data_8W1Z
#
_entry.id   8W1Z
#
_cell.length_a   1.00
_cell.length_b   1.00
_cell.length_c   1.00
_cell.angle_alpha   90.00
_cell.angle_beta   90.00
_cell.angle_gamma   90.00
#
_symmetry.space_group_name_H-M   'P 1'
#
loop_
_entity.id
_entity.type
_entity.pdbx_description
1 polymer 'G-protein coupled receptors family 1 profile domain-containing protein'
2 non-polymer 2-acetamido-2-deoxy-beta-D-glucopyranose
3 non-polymer CHOLESTEROL
#
_entity_poly.entity_id   1
_entity_poly.type   'polypeptide(L)'
_entity_poly.pdbx_seq_one_letter_code
;DYKDDDDKQNALSLAQTKHSCMALKAEDGEGCTCKQTKRYGQPECCCMGLIVSQLPTNLTADVGYLYLHNTSISVITPNF
FDKFPSIRELEIDNSAHLEHIDGSSLSVLSKLRKLSVVKCPNLREISGKLLVNNTRIQNVILKNNGLATMPSLRMTDAHH
VLLDRIDLSGNKIKFISDSKVRNVKARTVVLSENKLIEISGYAFTESQFLKLKLNNNPDLRSLSVDAFKNMAGLQTLDLS
HTSIDTLPINGLKKLKTLILNDVPTLKSLPSVLSFTDLETAHFTYPHHCCLFKYVDDVTMNDNGKYQRNAKEIHKRICDK
REQQKVARRRKRETSGIDFLDMLLKEWTDNSTYTGPDDADDDELPPFVEIGAEPCQSIGEEVQKYYSNITCYPQPDALNP
CENIVGYPFLRIAVWVVCLAAIVGNIIVWALLGIVYEKRMRMHYLYMINMSVADMVTGIYLAVLAIADAKMSDEYYRHAV
WWQTGWGCRAAGFLAVFASELGIISMFLIAFEMSYNTRQSFRGRRLSPKVGVLLMIGGWLFAIIMAILPWFDVSSYSESS
VCLPLRAATIFDKSYLIFGLSFNFLAFAAMALSYGFIVKMLKENETREEDRALITKMTVLVVTDLICWFPTLFFGFTATI
GFPLLSLSSAKFVLVFFFPINAFANPFLYVFFTEVIQHRVRSKTLPVIRRAAADYKDDDDK
;
_entity_poly.pdbx_strand_id   A,B
#
loop_
_chem_comp.id
_chem_comp.type
_chem_comp.name
_chem_comp.formula
CLR non-polymer CHOLESTEROL 'C27 H46 O'
NAG D-saccharide, beta linking 2-acetamido-2-deoxy-beta-D-glucopyranose 'C8 H15 N O6'
#
# COMPACT_ATOMS: atom_id res chain seq x y z
N HIS A 19 -13.37 51.74 -25.77
CA HIS A 19 -12.96 51.80 -27.18
C HIS A 19 -12.39 53.17 -27.50
N SER A 20 -12.63 54.14 -26.62
CA SER A 20 -12.05 55.47 -26.78
C SER A 20 -10.53 55.41 -26.78
N CYS A 21 -9.95 54.57 -25.90
CA CYS A 21 -8.50 54.41 -25.90
C CYS A 21 -8.03 53.82 -27.23
N MET A 22 -8.80 52.88 -27.78
CA MET A 22 -8.44 52.29 -29.07
C MET A 22 -8.46 53.34 -30.17
N ALA A 23 -9.47 54.21 -30.17
CA ALA A 23 -9.54 55.26 -31.18
C ALA A 23 -8.38 56.25 -31.02
N LEU A 24 -8.03 56.58 -29.78
CA LEU A 24 -6.88 57.47 -29.55
C LEU A 24 -5.59 56.84 -30.04
N LYS A 25 -5.40 55.55 -29.75
CA LYS A 25 -4.17 54.87 -30.17
C LYS A 25 -4.12 54.73 -31.70
N ALA A 26 -5.28 54.54 -32.34
CA ALA A 26 -5.33 54.56 -33.80
C ALA A 26 -4.97 55.95 -34.33
N GLU A 27 -5.46 57.01 -33.67
CA GLU A 27 -5.01 58.35 -33.98
C GLU A 27 -3.59 58.59 -33.47
N ASP A 28 -3.17 57.85 -32.44
CA ASP A 28 -1.86 58.00 -31.81
C ASP A 28 -1.68 59.38 -31.20
N GLY A 29 -2.79 60.04 -30.85
CA GLY A 29 -2.74 61.36 -30.26
C GLY A 29 -2.80 61.34 -28.75
N GLU A 30 -1.76 61.84 -28.09
CA GLU A 30 -1.67 61.81 -26.63
C GLU A 30 -2.63 62.85 -26.07
N GLY A 31 -3.89 62.43 -25.94
CA GLY A 31 -4.94 63.32 -25.47
C GLY A 31 -6.13 62.52 -24.98
N CYS A 32 -7.14 63.23 -24.52
CA CYS A 32 -8.37 62.64 -24.00
C CYS A 32 -9.46 62.72 -25.05
N THR A 33 -10.21 61.62 -25.21
CA THR A 33 -11.32 61.56 -26.14
C THR A 33 -12.49 60.85 -25.47
N CYS A 34 -13.71 61.29 -25.80
CA CYS A 34 -14.91 60.78 -25.17
C CYS A 34 -15.96 60.47 -26.22
N LYS A 35 -16.86 59.54 -25.88
CA LYS A 35 -18.01 59.24 -26.70
C LYS A 35 -19.10 58.67 -25.81
N GLN A 36 -20.35 58.83 -26.24
CA GLN A 36 -21.50 58.38 -25.48
C GLN A 36 -22.05 57.09 -26.08
N THR A 37 -22.35 56.12 -25.20
CA THR A 37 -22.84 54.82 -25.61
C THR A 37 -24.29 54.67 -25.21
N LYS A 38 -25.12 54.23 -26.16
CA LYS A 38 -26.55 54.04 -25.89
C LYS A 38 -26.82 52.80 -25.05
N ARG A 39 -25.89 51.84 -25.01
CA ARG A 39 -26.10 50.63 -24.23
C ARG A 39 -26.15 50.94 -22.74
N TYR A 40 -25.28 51.83 -22.27
CA TYR A 40 -25.23 52.18 -20.86
C TYR A 40 -25.68 53.61 -20.56
N GLY A 41 -25.92 54.42 -21.59
CA GLY A 41 -26.33 55.80 -21.38
C GLY A 41 -25.22 56.79 -21.09
N GLN A 42 -24.40 56.53 -20.07
CA GLN A 42 -23.31 57.42 -19.74
C GLN A 42 -22.21 57.33 -20.79
N PRO A 43 -21.42 58.39 -20.93
CA PRO A 43 -20.31 58.38 -21.90
C PRO A 43 -19.03 57.80 -21.32
N GLU A 44 -18.17 57.34 -22.22
CA GLU A 44 -16.88 56.76 -21.87
C GLU A 44 -15.77 57.71 -22.29
N CYS A 45 -14.86 58.00 -21.37
CA CYS A 45 -13.72 58.88 -21.62
C CYS A 45 -12.42 58.15 -21.35
N CYS A 46 -11.43 58.36 -22.20
CA CYS A 46 -10.11 57.78 -22.04
C CYS A 46 -9.05 58.84 -22.28
N CYS A 47 -8.04 58.85 -21.42
CA CYS A 47 -6.90 59.75 -21.53
C CYS A 47 -5.63 58.93 -21.70
N MET A 48 -4.74 59.39 -22.59
CA MET A 48 -3.59 58.59 -23.00
C MET A 48 -2.40 59.50 -23.26
N GLY A 49 -1.20 58.93 -23.14
CA GLY A 49 0.02 59.59 -23.54
C GLY A 49 0.69 60.38 -22.43
N LEU A 50 1.94 60.77 -22.71
CA LEU A 50 2.75 61.50 -21.74
C LEU A 50 2.38 62.98 -21.65
N ILE A 51 1.65 63.50 -22.63
CA ILE A 51 1.34 64.93 -22.65
C ILE A 51 0.49 65.32 -21.44
N VAL A 52 -0.51 64.49 -21.11
CA VAL A 52 -1.48 64.84 -20.08
C VAL A 52 -0.85 64.60 -18.70
N SER A 53 -0.56 65.70 -18.00
CA SER A 53 -0.13 65.60 -16.61
C SER A 53 -1.31 65.54 -15.65
N GLN A 54 -2.39 66.26 -15.97
CA GLN A 54 -3.65 66.15 -15.25
C GLN A 54 -4.78 66.17 -16.27
N LEU A 55 -5.90 65.56 -15.92
CA LEU A 55 -7.02 65.51 -16.85
C LEU A 55 -7.51 66.92 -17.14
N PRO A 56 -7.80 67.23 -18.40
CA PRO A 56 -8.20 68.61 -18.75
C PRO A 56 -9.50 69.02 -18.08
N THR A 57 -9.62 70.32 -17.83
CA THR A 57 -10.83 70.85 -17.20
C THR A 57 -12.04 70.69 -18.11
N ASN A 58 -11.87 70.88 -19.42
CA ASN A 58 -12.97 70.77 -20.38
C ASN A 58 -13.30 69.30 -20.63
N LEU A 59 -13.70 68.62 -19.55
CA LEU A 59 -14.05 67.22 -19.59
C LEU A 59 -15.43 67.03 -18.96
N THR A 60 -16.24 66.17 -19.57
CA THR A 60 -17.60 65.94 -19.08
C THR A 60 -17.57 65.36 -17.67
N ALA A 61 -18.57 65.75 -16.88
CA ALA A 61 -18.67 65.30 -15.49
C ALA A 61 -19.51 64.04 -15.33
N ASP A 62 -20.45 63.79 -16.24
CA ASP A 62 -21.34 62.63 -16.16
C ASP A 62 -20.67 61.34 -16.62
N VAL A 63 -19.35 61.32 -16.75
CA VAL A 63 -18.65 60.14 -17.24
C VAL A 63 -18.86 58.97 -16.27
N GLY A 64 -19.16 57.80 -16.83
CA GLY A 64 -19.26 56.59 -16.05
C GLY A 64 -17.99 55.78 -16.09
N TYR A 65 -17.39 55.68 -17.27
CA TYR A 65 -16.18 54.88 -17.48
C TYR A 65 -15.01 55.80 -17.76
N LEU A 66 -14.01 55.76 -16.88
CA LEU A 66 -12.82 56.58 -17.02
C LEU A 66 -11.60 55.66 -17.13
N TYR A 67 -10.81 55.89 -18.17
CA TYR A 67 -9.64 55.07 -18.46
C TYR A 67 -8.42 55.96 -18.64
N LEU A 68 -7.26 55.47 -18.20
CA LEU A 68 -6.01 56.24 -18.28
C LEU A 68 -4.91 55.32 -18.75
N HIS A 69 -4.33 55.63 -19.90
CA HIS A 69 -3.21 54.88 -20.46
C HIS A 69 -1.95 55.71 -20.27
N ASN A 70 -1.12 55.31 -19.30
CA ASN A 70 0.15 55.92 -18.91
C ASN A 70 0.17 57.43 -19.05
N THR A 71 -0.80 58.11 -18.44
CA THR A 71 -0.74 59.55 -18.27
C THR A 71 0.40 59.92 -17.33
N SER A 72 0.70 61.22 -17.29
CA SER A 72 1.83 61.74 -16.52
C SER A 72 1.46 62.11 -15.09
N ILE A 73 0.44 61.48 -14.52
CA ILE A 73 0.03 61.75 -13.15
C ILE A 73 1.11 61.21 -12.20
N SER A 74 1.82 62.11 -11.53
CA SER A 74 2.86 61.68 -10.60
C SER A 74 2.27 61.14 -9.31
N VAL A 75 1.21 61.77 -8.80
CA VAL A 75 0.60 61.37 -7.53
C VAL A 75 -0.85 61.83 -7.49
N ILE A 76 -1.75 60.94 -7.08
CA ILE A 76 -3.16 61.27 -6.97
C ILE A 76 -3.39 62.05 -5.68
N THR A 77 -3.88 63.29 -5.81
CA THR A 77 -4.15 64.11 -4.66
C THR A 77 -5.39 63.60 -3.91
N PRO A 78 -5.50 63.90 -2.61
CA PRO A 78 -6.69 63.48 -1.86
C PRO A 78 -8.00 64.01 -2.43
N ASN A 79 -7.96 64.93 -3.39
CA ASN A 79 -9.17 65.50 -3.98
C ASN A 79 -9.18 65.36 -5.49
N PHE A 80 -8.40 64.42 -6.03
CA PHE A 80 -8.21 64.34 -7.49
C PHE A 80 -9.49 63.96 -8.21
N PHE A 81 -10.15 62.88 -7.75
CA PHE A 81 -11.32 62.37 -8.45
C PHE A 81 -12.63 63.04 -8.03
N ASP A 82 -12.59 63.94 -7.05
CA ASP A 82 -13.81 64.53 -6.52
C ASP A 82 -14.57 65.34 -7.57
N LYS A 83 -13.92 65.73 -8.67
CA LYS A 83 -14.59 66.54 -9.68
C LYS A 83 -15.76 65.79 -10.32
N PHE A 84 -15.59 64.51 -10.60
CA PHE A 84 -16.61 63.73 -11.30
C PHE A 84 -17.30 62.80 -10.33
N PRO A 85 -18.58 63.02 -10.00
CA PRO A 85 -19.27 62.15 -9.04
C PRO A 85 -19.89 60.91 -9.67
N SER A 86 -20.23 60.98 -10.96
CA SER A 86 -20.99 59.94 -11.62
C SER A 86 -20.13 58.80 -12.16
N ILE A 87 -18.89 58.69 -11.67
CA ILE A 87 -18.00 57.64 -12.16
C ILE A 87 -18.48 56.27 -11.69
N ARG A 88 -18.37 55.28 -12.58
CA ARG A 88 -18.78 53.91 -12.26
C ARG A 88 -17.71 52.86 -12.55
N GLU A 89 -16.67 53.18 -13.30
CA GLU A 89 -15.62 52.20 -13.59
C GLU A 89 -14.31 52.94 -13.85
N LEU A 90 -13.22 52.39 -13.34
CA LEU A 90 -11.90 53.00 -13.46
C LEU A 90 -10.88 51.97 -13.93
N GLU A 91 -9.87 52.45 -14.65
CA GLU A 91 -8.76 51.61 -15.07
C GLU A 91 -7.54 52.48 -15.36
N ILE A 92 -6.40 52.13 -14.79
CA ILE A 92 -5.14 52.83 -15.00
C ILE A 92 -4.10 51.80 -15.41
N ASP A 93 -3.34 52.10 -16.47
CA ASP A 93 -2.41 51.13 -17.01
C ASP A 93 -1.14 51.82 -17.49
N ASN A 94 -0.03 51.11 -17.33
CA ASN A 94 1.28 51.47 -17.89
C ASN A 94 1.84 52.77 -17.34
N SER A 95 1.17 53.38 -16.38
CA SER A 95 1.61 54.67 -15.84
C SER A 95 2.90 54.47 -15.06
N ALA A 96 4.03 54.81 -15.68
CA ALA A 96 5.33 54.67 -15.04
C ALA A 96 5.64 55.77 -14.04
N HIS A 97 4.85 56.85 -14.04
CA HIS A 97 5.11 57.99 -13.16
C HIS A 97 4.34 57.89 -11.84
N LEU A 98 3.42 56.94 -11.70
CA LEU A 98 2.63 56.81 -10.48
C LEU A 98 3.50 56.41 -9.29
N GLU A 99 3.70 57.34 -8.36
CA GLU A 99 4.46 57.07 -7.15
C GLU A 99 3.56 56.74 -5.97
N HIS A 100 2.50 57.51 -5.77
CA HIS A 100 1.61 57.32 -4.62
C HIS A 100 0.21 57.75 -5.00
N ILE A 101 -0.78 57.09 -4.39
CA ILE A 101 -2.18 57.40 -4.62
C ILE A 101 -2.89 57.41 -3.27
N ASP A 102 -3.73 58.42 -3.06
CA ASP A 102 -4.55 58.50 -1.85
C ASP A 102 -5.90 57.87 -2.13
N GLY A 103 -6.15 56.70 -1.53
CA GLY A 103 -7.33 55.93 -1.87
C GLY A 103 -8.63 56.63 -1.56
N SER A 104 -8.59 57.61 -0.65
CA SER A 104 -9.84 58.26 -0.21
C SER A 104 -10.56 58.93 -1.37
N SER A 105 -9.82 59.67 -2.20
CA SER A 105 -10.45 60.37 -3.32
C SER A 105 -11.11 59.39 -4.28
N LEU A 106 -10.45 58.27 -4.55
CA LEU A 106 -11.05 57.22 -5.37
C LEU A 106 -12.29 56.65 -4.70
N SER A 107 -12.23 56.47 -3.38
CA SER A 107 -13.36 55.91 -2.64
C SER A 107 -14.55 56.86 -2.60
N VAL A 108 -14.34 58.16 -2.80
CA VAL A 108 -15.46 59.11 -2.86
C VAL A 108 -16.42 58.75 -3.99
N LEU A 109 -15.95 58.01 -4.99
CA LEU A 109 -16.80 57.61 -6.11
C LEU A 109 -17.83 56.58 -5.67
N SER A 110 -19.04 57.04 -5.36
CA SER A 110 -20.04 56.16 -4.74
C SER A 110 -20.42 55.00 -5.64
N LYS A 111 -20.57 55.23 -6.94
CA LYS A 111 -21.11 54.24 -7.85
C LYS A 111 -20.02 53.46 -8.59
N LEU A 112 -18.80 53.43 -8.06
CA LEU A 112 -17.69 52.75 -8.71
C LEU A 112 -17.93 51.24 -8.69
N ARG A 113 -18.14 50.65 -9.87
CA ARG A 113 -18.42 49.22 -9.96
C ARG A 113 -17.13 48.40 -9.98
N LYS A 114 -16.17 48.76 -10.84
CA LYS A 114 -14.95 48.00 -11.02
C LYS A 114 -13.75 48.94 -10.96
N LEU A 115 -12.68 48.47 -10.33
CA LEU A 115 -11.43 49.22 -10.23
C LEU A 115 -10.28 48.34 -10.69
N SER A 116 -9.44 48.87 -11.58
CA SER A 116 -8.31 48.12 -12.11
C SER A 116 -7.10 49.04 -12.23
N VAL A 117 -5.94 48.53 -11.79
CA VAL A 117 -4.67 49.22 -11.91
C VAL A 117 -3.61 48.20 -12.25
N VAL A 118 -2.87 48.41 -13.34
CA VAL A 118 -1.89 47.45 -13.80
C VAL A 118 -0.63 48.16 -14.30
N LYS A 119 0.48 47.42 -14.27
CA LYS A 119 1.75 47.79 -14.88
C LYS A 119 2.36 49.06 -14.30
N CYS A 120 1.93 49.48 -13.11
CA CYS A 120 2.53 50.63 -12.44
C CYS A 120 3.73 50.17 -11.62
N PRO A 121 4.95 50.47 -12.05
CA PRO A 121 6.13 49.90 -11.36
C PRO A 121 6.47 50.61 -10.06
N ASN A 122 6.25 51.92 -9.99
CA ASN A 122 6.66 52.72 -8.85
C ASN A 122 5.52 53.02 -7.88
N LEU A 123 4.35 52.38 -8.05
CA LEU A 123 3.20 52.61 -7.18
C LEU A 123 3.45 51.94 -5.83
N ARG A 124 4.29 52.59 -5.02
CA ARG A 124 4.83 51.95 -3.83
C ARG A 124 3.83 51.83 -2.70
N GLU A 125 2.76 52.64 -2.69
CA GLU A 125 1.83 52.61 -1.56
C GLU A 125 0.46 53.09 -2.00
N ILE A 126 -0.57 52.48 -1.44
CA ILE A 126 -1.94 52.95 -1.53
C ILE A 126 -2.46 53.10 -0.10
N SER A 127 -2.94 54.30 0.23
CA SER A 127 -3.25 54.67 1.60
C SER A 127 -4.76 54.76 1.82
N GLY A 128 -5.16 54.66 3.08
CA GLY A 128 -6.55 54.82 3.46
C GLY A 128 -7.34 53.53 3.44
N LYS A 129 -8.59 53.64 3.90
CA LYS A 129 -9.52 52.51 3.96
C LYS A 129 -10.31 52.47 2.67
N LEU A 130 -9.82 51.70 1.71
CA LEU A 130 -10.43 51.64 0.39
C LEU A 130 -11.77 50.91 0.43
N LEU A 131 -12.64 51.26 -0.51
CA LEU A 131 -13.95 50.64 -0.73
C LEU A 131 -14.93 50.96 0.40
N VAL A 132 -14.47 51.66 1.44
CA VAL A 132 -15.38 52.22 2.43
C VAL A 132 -16.12 53.41 1.80
N ASN A 133 -17.37 53.59 2.18
CA ASN A 133 -18.28 54.57 1.60
C ASN A 133 -18.57 54.30 0.13
N ASN A 134 -18.20 53.13 -0.38
CA ASN A 134 -18.42 52.74 -1.77
C ASN A 134 -19.11 51.39 -1.74
N THR A 135 -20.44 51.41 -1.64
CA THR A 135 -21.23 50.19 -1.50
C THR A 135 -21.57 49.53 -2.83
N ARG A 136 -20.96 49.96 -3.93
CA ARG A 136 -21.29 49.41 -5.25
C ARG A 136 -20.13 48.69 -5.91
N ILE A 137 -19.00 48.52 -5.23
CA ILE A 137 -17.86 47.86 -5.83
C ILE A 137 -18.20 46.40 -6.11
N GLN A 138 -17.80 45.92 -7.29
CA GLN A 138 -18.07 44.55 -7.70
C GLN A 138 -16.83 43.69 -7.77
N ASN A 139 -15.71 44.22 -8.27
CA ASN A 139 -14.46 43.49 -8.28
C ASN A 139 -13.32 44.48 -8.36
N VAL A 140 -12.17 44.08 -7.81
CA VAL A 140 -10.97 44.90 -7.77
C VAL A 140 -9.82 44.10 -8.35
N ILE A 141 -9.08 44.71 -9.28
CA ILE A 141 -7.90 44.08 -9.88
C ILE A 141 -6.73 45.02 -9.68
N LEU A 142 -5.72 44.56 -8.94
CA LEU A 142 -4.50 45.33 -8.70
C LEU A 142 -3.33 44.36 -8.84
N LYS A 143 -2.81 44.25 -10.07
CA LYS A 143 -1.78 43.27 -10.36
C LYS A 143 -0.62 43.91 -11.11
N ASN A 144 0.55 43.27 -10.97
CA ASN A 144 1.77 43.69 -11.65
C ASN A 144 2.17 45.13 -11.28
N ASN A 145 1.88 45.53 -10.04
CA ASN A 145 2.24 46.85 -9.55
C ASN A 145 3.31 46.73 -8.47
N GLY A 146 3.99 47.85 -8.22
CA GLY A 146 5.04 47.89 -7.22
C GLY A 146 4.54 48.13 -5.81
N LEU A 147 3.33 47.66 -5.51
CA LEU A 147 2.73 47.85 -4.19
C LEU A 147 3.63 47.28 -3.11
N ALA A 148 4.14 48.15 -2.24
CA ALA A 148 5.07 47.75 -1.19
C ALA A 148 4.41 47.61 0.18
N THR A 149 3.10 47.79 0.27
CA THR A 149 2.38 47.54 1.51
C THR A 149 0.95 47.15 1.18
N MET A 150 0.35 46.40 2.10
CA MET A 150 -1.01 45.90 1.89
C MET A 150 -2.00 47.05 2.00
N PRO A 151 -2.91 47.21 1.02
CA PRO A 151 -3.99 48.20 1.18
C PRO A 151 -4.88 47.86 2.35
N SER A 152 -5.33 48.90 3.05
CA SER A 152 -6.12 48.73 4.28
C SER A 152 -7.60 48.59 3.92
N LEU A 153 -7.93 47.44 3.34
CA LEU A 153 -9.29 47.17 2.91
C LEU A 153 -10.21 46.96 4.12
N ARG A 154 -11.23 47.80 4.24
CA ARG A 154 -12.30 47.63 5.20
C ARG A 154 -13.61 47.42 4.43
N MET A 155 -14.68 47.13 5.17
CA MET A 155 -15.98 46.90 4.54
C MET A 155 -17.07 47.05 5.58
N THR A 156 -18.31 47.14 5.10
CA THR A 156 -19.49 47.15 5.94
C THR A 156 -20.56 46.29 5.30
N ASP A 157 -21.51 45.83 6.11
CA ASP A 157 -22.52 44.86 5.69
C ASP A 157 -23.56 45.42 4.73
N ALA A 158 -23.46 46.67 4.28
CA ALA A 158 -24.51 47.24 3.42
C ALA A 158 -24.46 46.67 2.01
N HIS A 159 -23.28 46.25 1.54
CA HIS A 159 -23.07 45.85 0.16
C HIS A 159 -24.04 44.78 -0.30
N HIS A 160 -24.89 45.10 -1.28
CA HIS A 160 -25.89 44.16 -1.76
C HIS A 160 -25.27 43.03 -2.58
N VAL A 161 -24.15 43.30 -3.24
CA VAL A 161 -23.49 42.31 -4.09
C VAL A 161 -22.07 42.11 -3.57
N LEU A 162 -21.68 40.85 -3.40
CA LEU A 162 -20.36 40.53 -2.91
C LEU A 162 -19.32 40.73 -4.01
N LEU A 163 -18.08 40.98 -3.58
CA LEU A 163 -16.99 41.17 -4.52
C LEU A 163 -16.75 39.90 -5.32
N ASP A 164 -16.78 40.01 -6.65
CA ASP A 164 -16.52 38.86 -7.50
C ASP A 164 -15.07 38.40 -7.39
N ARG A 165 -14.14 39.34 -7.36
CA ARG A 165 -12.72 39.01 -7.24
C ARG A 165 -11.97 40.25 -6.77
N ILE A 166 -11.05 40.05 -5.83
CA ILE A 166 -10.14 41.09 -5.37
C ILE A 166 -8.74 40.50 -5.43
N ASP A 167 -7.88 41.10 -6.27
CA ASP A 167 -6.60 40.53 -6.63
C ASP A 167 -5.47 41.48 -6.28
N LEU A 168 -4.45 40.97 -5.61
CA LEU A 168 -3.22 41.72 -5.35
C LEU A 168 -1.99 40.95 -5.81
N SER A 169 -2.16 40.01 -6.74
CA SER A 169 -1.05 39.20 -7.21
C SER A 169 -0.08 40.05 -8.03
N GLY A 170 1.20 39.69 -7.96
CA GLY A 170 2.23 40.41 -8.66
C GLY A 170 2.74 41.65 -7.97
N ASN A 171 2.20 41.99 -6.80
CA ASN A 171 2.68 43.14 -6.03
C ASN A 171 3.92 42.74 -5.24
N LYS A 172 4.36 43.61 -4.33
CA LYS A 172 5.56 43.36 -3.54
C LYS A 172 5.27 43.42 -2.04
N ILE A 173 4.03 43.14 -1.62
CA ILE A 173 3.68 43.25 -0.21
C ILE A 173 4.49 42.24 0.60
N LYS A 174 4.70 42.55 1.87
CA LYS A 174 5.55 41.71 2.71
C LYS A 174 4.92 41.41 4.05
N PHE A 175 4.04 42.30 4.53
CA PHE A 175 3.40 42.12 5.82
C PHE A 175 1.89 42.30 5.67
N ILE A 176 1.16 41.65 6.57
CA ILE A 176 -0.28 41.86 6.72
C ILE A 176 -0.51 42.04 8.23
N SER A 177 -0.58 43.28 8.68
CA SER A 177 -0.67 43.58 10.10
C SER A 177 -2.03 43.16 10.66
N ASP A 178 -2.22 43.41 11.95
CA ASP A 178 -3.47 43.04 12.62
C ASP A 178 -4.66 43.73 11.99
N SER A 179 -5.69 42.93 11.68
CA SER A 179 -7.00 43.44 11.22
C SER A 179 -6.87 44.35 9.99
N LYS A 180 -6.06 43.91 9.03
CA LYS A 180 -5.90 44.69 7.80
C LYS A 180 -7.12 44.60 6.90
N VAL A 181 -7.68 43.40 6.75
CA VAL A 181 -8.75 43.15 5.80
C VAL A 181 -9.97 42.69 6.61
N ARG A 182 -10.91 43.60 6.84
CA ARG A 182 -12.06 43.36 7.71
C ARG A 182 -13.36 43.41 6.93
N ASN A 183 -14.22 42.41 7.17
CA ASN A 183 -15.62 42.37 6.74
C ASN A 183 -15.80 42.30 5.23
N VAL A 184 -14.75 42.02 4.46
CA VAL A 184 -14.90 41.88 3.02
C VAL A 184 -15.64 40.58 2.70
N LYS A 185 -16.65 40.68 1.85
CA LYS A 185 -17.41 39.52 1.39
C LYS A 185 -17.10 39.31 -0.09
N ALA A 186 -16.39 38.22 -0.40
CA ALA A 186 -15.90 38.00 -1.74
C ALA A 186 -15.72 36.51 -1.98
N ARG A 187 -15.68 36.15 -3.27
CA ARG A 187 -15.43 34.76 -3.65
C ARG A 187 -13.93 34.48 -3.69
N THR A 188 -13.20 35.19 -4.55
CA THR A 188 -11.78 34.93 -4.77
C THR A 188 -10.96 36.08 -4.21
N VAL A 189 -9.98 35.74 -3.38
CA VAL A 189 -8.97 36.69 -2.90
C VAL A 189 -7.62 36.08 -3.19
N VAL A 190 -6.72 36.86 -3.80
CA VAL A 190 -5.45 36.35 -4.29
C VAL A 190 -4.32 37.21 -3.74
N LEU A 191 -3.32 36.58 -3.14
CA LEU A 191 -2.12 37.26 -2.68
C LEU A 191 -0.85 36.56 -3.19
N SER A 192 -0.96 35.85 -4.30
CA SER A 192 0.16 35.10 -4.84
C SER A 192 1.23 36.03 -5.40
N GLU A 193 2.43 35.46 -5.57
CA GLU A 193 3.62 36.08 -6.15
C GLU A 193 4.21 37.19 -5.29
N ASN A 194 3.57 37.55 -4.18
CA ASN A 194 4.11 38.57 -3.31
C ASN A 194 5.23 38.00 -2.44
N LYS A 195 6.04 38.90 -1.90
CA LYS A 195 7.16 38.52 -1.02
C LYS A 195 6.76 38.61 0.45
N LEU A 196 5.75 37.81 0.82
CA LEU A 196 5.31 37.78 2.20
C LEU A 196 6.40 37.19 3.10
N ILE A 197 6.52 37.74 4.31
CA ILE A 197 7.48 37.25 5.28
C ILE A 197 6.77 36.86 6.56
N GLU A 198 5.60 37.46 6.81
CA GLU A 198 4.83 37.14 8.00
C GLU A 198 3.40 37.58 7.79
N ILE A 199 2.46 36.77 8.27
CA ILE A 199 1.06 37.14 8.40
C ILE A 199 0.72 37.11 9.88
N SER A 200 0.36 38.26 10.42
CA SER A 200 0.17 38.40 11.86
C SER A 200 -1.21 37.89 12.27
N GLY A 201 -1.43 37.85 13.59
CA GLY A 201 -2.71 37.36 14.10
C GLY A 201 -3.85 38.28 13.70
N TYR A 202 -5.02 37.67 13.50
CA TYR A 202 -6.24 38.39 13.11
C TYR A 202 -6.04 39.20 11.83
N ALA A 203 -5.23 38.68 10.90
CA ALA A 203 -4.98 39.41 9.65
C ALA A 203 -6.28 39.67 8.91
N PHE A 204 -7.14 38.66 8.82
CA PHE A 204 -8.50 38.83 8.35
C PHE A 204 -9.45 38.82 9.54
N THR A 205 -10.68 39.29 9.30
CA THR A 205 -11.69 39.35 10.33
C THR A 205 -13.04 39.56 9.67
N GLU A 206 -14.04 38.79 10.12
CA GLU A 206 -15.43 38.95 9.71
C GLU A 206 -15.65 38.69 8.23
N SER A 207 -14.60 38.29 7.52
CA SER A 207 -14.68 38.10 6.08
C SER A 207 -15.13 36.68 5.74
N GLN A 208 -15.68 36.55 4.53
CA GLN A 208 -16.03 35.25 3.98
C GLN A 208 -15.40 35.12 2.60
N PHE A 209 -14.62 34.05 2.39
CA PHE A 209 -13.93 33.82 1.14
C PHE A 209 -14.27 32.44 0.61
N LEU A 210 -14.57 32.38 -0.70
CA LEU A 210 -14.70 31.09 -1.35
C LEU A 210 -13.35 30.45 -1.62
N LYS A 211 -12.35 31.26 -1.99
CA LYS A 211 -11.02 30.74 -2.31
C LYS A 211 -9.99 31.80 -2.00
N LEU A 212 -9.16 31.56 -1.00
CA LEU A 212 -8.06 32.45 -0.63
C LEU A 212 -6.77 31.85 -1.15
N LYS A 213 -6.03 32.63 -1.93
CA LYS A 213 -4.82 32.17 -2.59
C LYS A 213 -3.59 32.75 -1.88
N LEU A 214 -2.66 31.88 -1.52
CA LEU A 214 -1.41 32.28 -0.90
C LEU A 214 -0.26 31.45 -1.48
N ASN A 215 -0.21 31.36 -2.80
CA ASN A 215 0.72 30.47 -3.48
C ASN A 215 1.86 31.26 -4.12
N ASN A 216 2.91 30.54 -4.48
CA ASN A 216 4.12 31.12 -5.06
C ASN A 216 4.67 32.25 -4.19
N ASN A 217 4.88 31.95 -2.92
CA ASN A 217 5.39 32.90 -1.93
C ASN A 217 6.58 32.26 -1.22
N PRO A 218 7.76 32.26 -1.84
CA PRO A 218 8.89 31.51 -1.27
C PRO A 218 9.29 31.96 0.12
N ASP A 219 9.19 33.24 0.43
CA ASP A 219 9.75 33.78 1.67
C ASP A 219 8.79 33.72 2.85
N LEU A 220 7.60 33.15 2.69
CA LEU A 220 6.64 33.06 3.79
C LEU A 220 7.05 31.94 4.72
N ARG A 221 7.61 32.29 5.88
CA ARG A 221 8.07 31.31 6.86
C ARG A 221 7.10 31.13 8.01
N SER A 222 6.77 32.20 8.72
CA SER A 222 6.03 32.13 9.97
C SER A 222 4.63 32.71 9.81
N LEU A 223 3.62 31.90 10.13
CA LEU A 223 2.24 32.34 10.23
C LEU A 223 1.83 32.34 11.69
N SER A 224 1.15 33.41 12.12
CA SER A 224 0.66 33.46 13.49
C SER A 224 -0.35 32.35 13.74
N VAL A 225 -0.33 31.80 14.95
CA VAL A 225 -1.17 30.65 15.28
C VAL A 225 -2.65 30.95 15.10
N ASP A 226 -3.05 32.20 15.23
CA ASP A 226 -4.44 32.61 15.06
C ASP A 226 -4.59 33.58 13.89
N ALA A 227 -3.77 33.41 12.85
CA ALA A 227 -3.81 34.32 11.71
C ALA A 227 -5.15 34.28 11.00
N PHE A 228 -5.76 33.10 10.90
CA PHE A 228 -7.06 32.96 10.26
C PHE A 228 -8.19 32.82 11.27
N LYS A 229 -7.93 33.09 12.55
CA LYS A 229 -8.98 33.04 13.54
C LYS A 229 -9.95 34.21 13.34
N ASN A 230 -11.15 34.06 13.91
CA ASN A 230 -12.23 35.04 13.86
C ASN A 230 -12.76 35.25 12.44
N MET A 231 -12.39 34.40 11.49
CA MET A 231 -12.94 34.52 10.15
C MET A 231 -14.39 34.03 10.13
N ALA A 232 -15.15 34.53 9.16
CA ALA A 232 -16.55 34.19 9.04
C ALA A 232 -16.81 33.11 7.99
N GLY A 233 -15.76 32.51 7.44
CA GLY A 233 -15.92 31.46 6.46
C GLY A 233 -14.78 31.40 5.45
N LEU A 234 -14.32 30.19 5.16
CA LEU A 234 -13.22 30.00 4.21
C LEU A 234 -13.43 28.63 3.56
N GLN A 235 -13.88 28.63 2.31
CA GLN A 235 -14.26 27.38 1.66
C GLN A 235 -13.05 26.60 1.17
N THR A 236 -12.13 27.26 0.45
CA THR A 236 -10.97 26.59 -0.10
C THR A 236 -9.73 27.45 0.13
N LEU A 237 -8.60 26.79 0.36
CA LEU A 237 -7.37 27.48 0.72
C LEU A 237 -6.18 26.72 0.14
N ASP A 238 -5.23 27.45 -0.43
CA ASP A 238 -4.04 26.85 -1.00
C ASP A 238 -2.81 27.63 -0.58
N LEU A 239 -1.77 26.90 -0.17
CA LEU A 239 -0.51 27.48 0.28
C LEU A 239 0.68 26.94 -0.51
N SER A 240 0.47 26.54 -1.77
CA SER A 240 1.53 25.89 -2.53
C SER A 240 2.72 26.82 -2.70
N HIS A 241 3.91 26.23 -2.73
CA HIS A 241 5.17 26.97 -2.85
C HIS A 241 5.33 27.97 -1.71
N THR A 242 5.42 27.42 -0.50
CA THR A 242 5.54 28.21 0.72
C THR A 242 6.46 27.47 1.69
N SER A 243 7.07 28.24 2.60
CA SER A 243 7.89 27.69 3.66
C SER A 243 7.14 27.66 5.00
N ILE A 244 5.83 27.42 4.98
CA ILE A 244 5.04 27.41 6.20
C ILE A 244 5.48 26.25 7.08
N ASP A 245 5.79 26.56 8.34
CA ASP A 245 6.29 25.54 9.26
C ASP A 245 5.15 24.69 9.81
N THR A 246 4.16 25.32 10.44
CA THR A 246 3.02 24.61 10.99
C THR A 246 1.74 25.35 10.61
N LEU A 247 0.79 24.63 10.03
CA LEU A 247 -0.46 25.23 9.62
C LEU A 247 -1.26 25.66 10.85
N PRO A 248 -1.88 26.84 10.81
CA PRO A 248 -2.71 27.27 11.95
C PRO A 248 -3.86 26.31 12.20
N ILE A 249 -4.22 26.18 13.47
CA ILE A 249 -5.23 25.20 13.87
C ILE A 249 -6.64 25.78 13.80
N ASN A 250 -6.82 27.04 14.18
CA ASN A 250 -8.15 27.63 14.29
C ASN A 250 -8.58 28.29 12.99
N GLY A 251 -9.89 28.49 12.85
CA GLY A 251 -10.46 29.17 11.71
C GLY A 251 -10.61 28.30 10.48
N LEU A 252 -9.70 27.35 10.30
CA LEU A 252 -9.72 26.45 9.15
C LEU A 252 -10.62 25.24 9.34
N LYS A 253 -11.54 25.31 10.30
CA LYS A 253 -12.40 24.19 10.68
C LYS A 253 -13.56 23.97 9.72
N LYS A 254 -13.58 24.64 8.57
CA LYS A 254 -14.70 24.52 7.64
C LYS A 254 -14.27 24.32 6.20
N LEU A 255 -12.97 24.24 5.92
CA LEU A 255 -12.49 24.17 4.55
C LEU A 255 -13.10 22.99 3.81
N LYS A 256 -13.59 23.24 2.59
CA LYS A 256 -14.00 22.15 1.73
C LYS A 256 -12.82 21.45 1.09
N THR A 257 -11.77 22.19 0.74
CA THR A 257 -10.55 21.61 0.20
C THR A 257 -9.35 22.31 0.84
N LEU A 258 -8.25 21.55 0.97
CA LEU A 258 -6.99 22.08 1.47
C LEU A 258 -5.89 21.69 0.51
N ILE A 259 -4.99 22.63 0.24
CA ILE A 259 -3.92 22.44 -0.74
C ILE A 259 -2.60 22.85 -0.09
N LEU A 260 -1.73 21.89 0.13
CA LEU A 260 -0.41 22.10 0.73
C LEU A 260 0.67 21.51 -0.16
N ASN A 261 0.60 21.84 -1.45
CA ASN A 261 1.50 21.27 -2.44
C ASN A 261 2.88 21.91 -2.36
N ASP A 262 3.90 21.07 -2.39
CA ASP A 262 5.30 21.52 -2.49
C ASP A 262 5.67 22.47 -1.34
N VAL A 263 5.41 22.03 -0.12
CA VAL A 263 5.82 22.78 1.07
C VAL A 263 6.65 21.87 1.96
N PRO A 264 7.90 21.58 1.60
CA PRO A 264 8.68 20.59 2.35
C PRO A 264 8.90 20.97 3.81
N THR A 265 8.79 22.25 4.18
CA THR A 265 8.95 22.62 5.58
C THR A 265 7.78 22.14 6.43
N LEU A 266 6.64 21.85 5.82
CA LEU A 266 5.44 21.40 6.55
C LEU A 266 5.61 19.92 6.92
N LYS A 267 6.54 19.68 7.86
CA LYS A 267 6.85 18.31 8.25
C LYS A 267 5.66 17.64 8.95
N SER A 268 5.24 18.21 10.07
CA SER A 268 4.18 17.63 10.89
C SER A 268 2.93 18.50 10.80
N LEU A 269 1.85 17.92 10.33
CA LEU A 269 0.59 18.61 10.17
C LEU A 269 -0.12 18.74 11.53
N PRO A 270 -0.94 19.77 11.70
CA PRO A 270 -1.84 19.81 12.86
C PRO A 270 -2.84 18.67 12.80
N SER A 271 -3.49 18.42 13.94
CA SER A 271 -4.31 17.23 14.13
C SER A 271 -5.38 17.13 13.05
N VAL A 272 -5.48 15.93 12.46
CA VAL A 272 -6.49 15.66 11.44
C VAL A 272 -7.89 15.77 12.01
N LEU A 273 -8.02 15.62 13.33
CA LEU A 273 -9.34 15.66 13.98
C LEU A 273 -10.05 16.98 13.72
N SER A 274 -9.30 18.09 13.65
CA SER A 274 -9.93 19.41 13.68
C SER A 274 -10.83 19.63 12.47
N PHE A 275 -10.42 19.17 11.29
CA PHE A 275 -11.22 19.41 10.10
C PHE A 275 -12.54 18.64 10.17
N THR A 276 -13.56 19.19 9.51
CA THR A 276 -14.89 18.62 9.65
C THR A 276 -15.58 18.31 8.32
N ASP A 277 -15.44 19.16 7.32
CA ASP A 277 -16.19 19.00 6.08
C ASP A 277 -15.32 18.93 4.84
N LEU A 278 -14.01 18.82 4.98
CA LEU A 278 -13.13 18.79 3.82
C LEU A 278 -13.35 17.52 3.01
N GLU A 279 -13.28 17.65 1.69
CA GLU A 279 -13.47 16.54 0.77
C GLU A 279 -12.24 16.21 -0.05
N THR A 280 -11.41 17.20 -0.36
CA THR A 280 -10.22 17.00 -1.17
C THR A 280 -9.04 17.67 -0.50
N ALA A 281 -7.90 16.98 -0.49
CA ALA A 281 -6.70 17.51 0.15
C ALA A 281 -5.48 17.06 -0.63
N HIS A 282 -4.67 18.01 -1.06
CA HIS A 282 -3.41 17.72 -1.72
C HIS A 282 -2.28 18.04 -0.74
N PHE A 283 -1.47 17.03 -0.41
CA PHE A 283 -0.32 17.21 0.44
C PHE A 283 0.96 17.04 -0.37
N THR A 284 2.07 17.44 0.23
CA THR A 284 3.37 17.28 -0.43
C THR A 284 3.91 15.87 -0.23
N TYR A 285 4.13 15.48 1.02
CA TYR A 285 4.56 14.13 1.32
C TYR A 285 3.38 13.16 1.23
N PRO A 286 3.62 11.93 0.78
CA PRO A 286 2.50 11.01 0.55
C PRO A 286 1.86 10.48 1.83
N HIS A 287 2.62 10.35 2.92
CA HIS A 287 2.12 9.67 4.10
C HIS A 287 0.98 10.41 4.79
N HIS A 288 0.82 11.71 4.54
CA HIS A 288 -0.32 12.42 5.11
C HIS A 288 -1.64 11.89 4.56
N CYS A 289 -1.64 11.39 3.33
CA CYS A 289 -2.84 10.76 2.79
C CYS A 289 -3.26 9.58 3.65
N CYS A 290 -2.32 8.70 4.00
CA CYS A 290 -2.64 7.59 4.88
C CYS A 290 -2.97 8.06 6.29
N LEU A 291 -2.30 9.12 6.76
CA LEU A 291 -2.64 9.69 8.06
C LEU A 291 -4.10 10.09 8.11
N PHE A 292 -4.62 10.59 6.99
CA PHE A 292 -6.06 10.86 6.91
C PHE A 292 -6.85 9.55 6.83
N LYS A 293 -6.38 8.60 6.04
CA LYS A 293 -7.14 7.37 5.83
C LYS A 293 -7.10 6.45 7.04
N TYR A 294 -5.91 6.27 7.63
CA TYR A 294 -5.74 5.37 8.76
C TYR A 294 -6.26 5.93 10.08
N VAL A 295 -6.99 7.05 10.05
CA VAL A 295 -7.56 7.66 11.23
C VAL A 295 -8.61 6.77 11.91
N ASP A 296 -8.95 5.64 11.30
CA ASP A 296 -10.01 4.73 11.75
C ASP A 296 -10.04 4.52 13.26
N ASP A 297 -8.88 4.41 13.89
CA ASP A 297 -8.81 4.23 15.34
C ASP A 297 -8.49 5.51 16.10
N VAL A 298 -8.19 6.61 15.40
CA VAL A 298 -7.74 7.82 16.08
C VAL A 298 -8.91 8.75 16.42
N THR A 299 -9.95 8.75 15.59
CA THR A 299 -10.98 9.79 15.69
C THR A 299 -11.75 9.74 17.00
N MET A 300 -12.04 8.53 17.50
CA MET A 300 -12.83 8.44 18.72
C MET A 300 -12.06 8.87 19.98
N ASN A 301 -10.76 9.10 19.86
CA ASN A 301 -9.91 9.32 21.04
C ASN A 301 -9.90 10.77 21.51
N ASP A 302 -10.43 11.71 20.73
CA ASP A 302 -10.39 13.13 21.12
C ASP A 302 -11.13 13.35 22.44
N ASN A 303 -12.39 12.91 22.51
CA ASN A 303 -13.21 13.00 23.72
C ASN A 303 -13.28 14.44 24.27
N GLY A 304 -13.17 15.45 23.40
CA GLY A 304 -13.23 16.84 23.85
C GLY A 304 -14.33 17.64 23.18
N LYS A 305 -14.01 18.85 22.73
CA LYS A 305 -14.98 19.65 21.98
C LYS A 305 -15.25 19.01 20.62
N TYR A 306 -14.22 18.50 19.95
CA TYR A 306 -14.48 17.79 18.71
C TYR A 306 -15.16 16.44 18.95
N GLN A 307 -15.23 15.95 20.19
CA GLN A 307 -16.12 14.85 20.46
C GLN A 307 -17.57 15.27 20.24
N ARG A 308 -17.94 16.47 20.71
CA ARG A 308 -19.26 17.02 20.42
C ARG A 308 -19.41 17.29 18.92
N ASN A 309 -18.37 17.82 18.29
CA ASN A 309 -18.43 18.08 16.85
C ASN A 309 -18.67 16.79 16.07
N ALA A 310 -18.00 15.70 16.46
CA ALA A 310 -18.22 14.40 15.84
C ALA A 310 -19.62 13.89 16.11
N LYS A 311 -20.09 14.03 17.35
CA LYS A 311 -21.45 13.64 17.68
C LYS A 311 -22.45 14.35 16.76
N GLU A 312 -22.18 15.61 16.45
CA GLU A 312 -23.06 16.37 15.56
C GLU A 312 -22.91 15.95 14.11
N ILE A 313 -21.69 15.67 13.66
CA ILE A 313 -21.50 15.35 12.24
C ILE A 313 -22.04 13.97 11.92
N HIS A 314 -21.99 13.03 12.87
CA HIS A 314 -22.47 11.68 12.58
C HIS A 314 -23.95 11.69 12.27
N LYS A 315 -24.74 12.46 13.03
CA LYS A 315 -26.16 12.56 12.75
C LYS A 315 -26.39 13.23 11.39
N ARG A 316 -25.57 14.23 11.06
CA ARG A 316 -25.72 14.95 9.80
C ARG A 316 -25.73 14.02 8.59
N ILE A 317 -25.00 12.91 8.67
CA ILE A 317 -25.00 11.93 7.59
C ILE A 317 -26.06 10.87 7.85
N CYS A 318 -26.04 10.29 9.05
CA CYS A 318 -26.82 9.08 9.32
C CYS A 318 -28.32 9.33 9.44
N ASP A 319 -28.76 10.59 9.57
CA ASP A 319 -30.18 10.86 9.65
C ASP A 319 -30.89 10.69 8.32
N LYS A 320 -30.15 10.68 7.21
CA LYS A 320 -30.73 10.53 5.88
C LYS A 320 -30.10 9.43 5.06
N ARG A 321 -29.03 8.79 5.53
CA ARG A 321 -28.41 7.70 4.80
C ARG A 321 -29.19 6.42 4.98
N ILE A 370 -37.48 -0.10 1.00
CA ILE A 370 -37.03 -1.41 1.42
C ILE A 370 -36.42 -1.31 2.83
N GLY A 371 -35.69 -0.23 3.09
CA GLY A 371 -35.10 -0.04 4.40
C GLY A 371 -33.74 0.64 4.36
N ALA A 372 -33.22 1.01 5.52
CA ALA A 372 -31.94 1.72 5.59
C ALA A 372 -31.23 1.34 6.88
N GLU A 373 -29.90 1.38 6.84
CA GLU A 373 -29.10 1.00 8.00
C GLU A 373 -29.28 2.02 9.13
N PRO A 374 -29.24 1.57 10.37
CA PRO A 374 -29.27 2.50 11.49
C PRO A 374 -27.92 3.17 11.67
N CYS A 375 -27.92 4.21 12.49
CA CYS A 375 -26.73 5.01 12.75
C CYS A 375 -25.70 4.20 13.53
N GLN A 376 -24.64 3.75 12.86
CA GLN A 376 -23.52 3.14 13.58
C GLN A 376 -22.84 4.19 14.45
N SER A 377 -22.10 3.72 15.45
CA SER A 377 -21.63 4.60 16.50
C SER A 377 -20.68 5.67 15.95
N ILE A 378 -20.51 6.73 16.74
CA ILE A 378 -19.74 7.89 16.32
C ILE A 378 -18.28 7.56 16.04
N GLY A 379 -17.83 6.35 16.38
CA GLY A 379 -16.48 5.92 16.09
C GLY A 379 -16.29 5.16 14.80
N GLU A 380 -17.37 4.71 14.15
CA GLU A 380 -17.31 4.03 12.87
C GLU A 380 -17.86 4.87 11.73
N GLU A 381 -19.00 5.53 11.94
CA GLU A 381 -19.55 6.36 10.88
C GLU A 381 -18.63 7.54 10.57
N VAL A 382 -17.90 8.03 11.57
CA VAL A 382 -16.97 9.12 11.33
C VAL A 382 -15.83 8.68 10.41
N GLN A 383 -15.32 7.45 10.60
CA GLN A 383 -14.27 6.95 9.72
C GLN A 383 -14.84 6.60 8.35
N LYS A 384 -16.10 6.13 8.32
CA LYS A 384 -16.77 5.89 7.05
C LYS A 384 -16.87 7.15 6.22
N TYR A 385 -17.18 8.28 6.87
CA TYR A 385 -17.20 9.57 6.18
C TYR A 385 -15.80 10.03 5.82
N TYR A 386 -14.84 9.86 6.74
CA TYR A 386 -13.48 10.30 6.48
C TYR A 386 -12.82 9.55 5.34
N SER A 387 -13.28 8.32 5.06
CA SER A 387 -12.71 7.57 3.95
C SER A 387 -12.96 8.27 2.61
N ASN A 388 -14.08 8.99 2.50
CA ASN A 388 -14.39 9.69 1.26
C ASN A 388 -13.40 10.83 0.98
N ILE A 389 -12.68 11.30 2.00
CA ILE A 389 -11.73 12.39 1.81
C ILE A 389 -10.61 11.93 0.90
N THR A 390 -10.57 12.48 -0.31
CA THR A 390 -9.56 12.08 -1.28
C THR A 390 -8.28 12.87 -1.10
N CYS A 391 -7.16 12.16 -1.10
CA CYS A 391 -5.84 12.79 -1.05
C CYS A 391 -5.01 12.32 -2.22
N TYR A 392 -4.32 13.27 -2.85
CA TYR A 392 -3.66 13.06 -4.14
C TYR A 392 -2.34 12.29 -4.02
N PRO A 393 -1.44 12.63 -3.08
CA PRO A 393 -0.21 11.81 -3.00
C PRO A 393 -0.49 10.44 -2.38
N GLN A 394 -1.21 9.62 -3.12
CA GLN A 394 -1.65 8.33 -2.62
C GLN A 394 -0.46 7.42 -2.33
N PRO A 395 -0.53 6.63 -1.26
CA PRO A 395 0.55 5.69 -0.96
C PRO A 395 0.63 4.58 -1.99
N ASP A 396 1.82 4.01 -2.13
CA ASP A 396 2.06 2.92 -3.05
C ASP A 396 2.99 1.92 -2.37
N ALA A 397 3.37 0.87 -3.12
CA ALA A 397 4.31 -0.10 -2.60
C ALA A 397 5.66 0.51 -2.27
N LEU A 398 6.01 1.62 -2.93
CA LEU A 398 7.27 2.30 -2.66
C LEU A 398 7.19 3.22 -1.45
N ASN A 399 6.01 3.73 -1.11
CA ASN A 399 5.78 4.49 0.11
C ASN A 399 4.58 3.87 0.83
N PRO A 400 4.79 2.74 1.51
CA PRO A 400 3.67 2.03 2.13
C PRO A 400 3.35 2.53 3.52
N CYS A 401 2.14 2.21 3.96
CA CYS A 401 1.66 2.55 5.30
C CYS A 401 1.76 1.35 6.23
N GLU A 402 2.01 1.63 7.50
CA GLU A 402 1.95 0.65 8.59
C GLU A 402 3.10 -0.34 8.53
N ASN A 403 3.88 -0.33 7.46
CA ASN A 403 4.96 -1.29 7.29
C ASN A 403 6.04 -0.67 6.40
N ILE A 404 7.27 -1.08 6.62
CA ILE A 404 8.39 -0.64 5.78
C ILE A 404 8.66 -1.71 4.73
N VAL A 405 8.88 -2.95 5.18
CA VAL A 405 9.11 -4.04 4.25
C VAL A 405 7.80 -4.73 3.84
N GLY A 406 6.82 -4.78 4.72
CA GLY A 406 5.51 -5.31 4.36
C GLY A 406 5.41 -6.82 4.62
N TYR A 407 5.46 -7.61 3.55
CA TYR A 407 5.18 -9.03 3.62
C TYR A 407 6.12 -9.72 4.62
N PRO A 408 5.59 -10.60 5.49
CA PRO A 408 6.45 -11.22 6.50
C PRO A 408 7.58 -12.06 5.93
N PHE A 409 7.36 -12.70 4.79
CA PHE A 409 8.44 -13.43 4.13
C PHE A 409 9.62 -12.51 3.86
N LEU A 410 9.34 -11.32 3.33
CA LEU A 410 10.40 -10.36 3.08
C LEU A 410 11.06 -9.91 4.37
N ARG A 411 10.30 -9.79 5.46
CA ARG A 411 10.88 -9.37 6.74
C ARG A 411 11.88 -10.40 7.24
N ILE A 412 11.47 -11.66 7.32
CA ILE A 412 12.37 -12.70 7.81
C ILE A 412 13.53 -12.90 6.83
N ALA A 413 13.26 -12.76 5.53
CA ALA A 413 14.32 -12.88 4.54
C ALA A 413 15.36 -11.79 4.70
N VAL A 414 14.92 -10.54 4.96
CA VAL A 414 15.85 -9.45 5.16
C VAL A 414 16.68 -9.69 6.41
N TRP A 415 16.05 -10.15 7.49
CA TRP A 415 16.81 -10.44 8.71
C TRP A 415 17.89 -11.50 8.45
N VAL A 416 17.49 -12.62 7.87
CA VAL A 416 18.43 -13.72 7.67
C VAL A 416 19.51 -13.33 6.66
N VAL A 417 19.15 -12.53 5.64
CA VAL A 417 20.13 -12.15 4.64
C VAL A 417 21.13 -11.13 5.21
N CYS A 418 20.69 -10.28 6.13
CA CYS A 418 21.64 -9.39 6.80
C CYS A 418 22.61 -10.18 7.65
N LEU A 419 22.09 -11.11 8.45
CA LEU A 419 22.96 -11.95 9.26
C LEU A 419 23.91 -12.76 8.37
N ALA A 420 23.41 -13.23 7.22
CA ALA A 420 24.24 -14.02 6.33
C ALA A 420 25.29 -13.19 5.60
N ALA A 421 24.97 -11.94 5.28
CA ALA A 421 25.99 -11.06 4.71
C ALA A 421 27.09 -10.79 5.71
N ILE A 422 26.73 -10.56 6.98
CA ILE A 422 27.75 -10.39 8.00
C ILE A 422 28.58 -11.68 8.15
N VAL A 423 27.92 -12.83 8.12
CA VAL A 423 28.63 -14.10 8.21
C VAL A 423 29.55 -14.29 7.02
N GLY A 424 29.11 -13.88 5.83
CA GLY A 424 29.96 -13.99 4.66
C GLY A 424 31.18 -13.09 4.73
N ASN A 425 31.01 -11.87 5.25
CA ASN A 425 32.16 -11.00 5.47
C ASN A 425 33.12 -11.63 6.48
N ILE A 426 32.59 -12.25 7.53
CA ILE A 426 33.43 -12.96 8.49
C ILE A 426 34.19 -14.09 7.81
N ILE A 427 33.51 -14.81 6.91
CA ILE A 427 34.15 -15.89 6.17
C ILE A 427 35.26 -15.33 5.28
N VAL A 428 35.01 -14.20 4.63
CA VAL A 428 36.06 -13.55 3.86
C VAL A 428 37.28 -13.31 4.73
N TRP A 429 37.06 -12.67 5.87
CA TRP A 429 38.18 -12.32 6.75
C TRP A 429 38.97 -13.56 7.14
N ALA A 430 38.27 -14.58 7.65
CA ALA A 430 38.93 -15.76 8.18
C ALA A 430 39.67 -16.53 7.07
N LEU A 431 38.99 -16.80 5.96
CA LEU A 431 39.60 -17.63 4.94
C LEU A 431 40.70 -16.89 4.19
N LEU A 432 40.58 -15.57 4.01
CA LEU A 432 41.67 -14.81 3.43
C LEU A 432 42.88 -14.80 4.36
N GLY A 433 42.64 -14.68 5.67
CA GLY A 433 43.75 -14.81 6.60
C GLY A 433 44.39 -16.18 6.58
N ILE A 434 43.59 -17.22 6.37
CA ILE A 434 44.14 -18.57 6.28
C ILE A 434 44.99 -18.73 5.03
N VAL A 435 44.47 -18.29 3.88
CA VAL A 435 45.20 -18.42 2.61
C VAL A 435 46.23 -17.32 2.41
N TYR A 436 46.30 -16.33 3.31
CA TYR A 436 47.21 -15.20 3.16
C TYR A 436 48.64 -15.66 2.95
N GLU A 437 49.27 -15.15 1.89
CA GLU A 437 50.67 -15.40 1.60
C GLU A 437 51.55 -14.39 2.32
N LYS A 438 52.76 -14.81 2.68
CA LYS A 438 53.67 -13.94 3.42
C LYS A 438 54.06 -12.72 2.60
N ARG A 439 54.32 -12.91 1.30
CA ARG A 439 54.69 -11.79 0.45
C ARG A 439 53.49 -10.88 0.21
N MET A 440 53.75 -9.56 0.20
CA MET A 440 52.70 -8.60 -0.07
C MET A 440 52.17 -8.78 -1.48
N ARG A 441 50.84 -8.82 -1.61
CA ARG A 441 50.17 -9.04 -2.88
C ARG A 441 49.24 -7.87 -3.20
N MET A 442 49.21 -7.49 -4.47
CA MET A 442 48.43 -6.33 -4.89
C MET A 442 46.93 -6.57 -4.76
N HIS A 443 46.45 -7.78 -5.08
CA HIS A 443 45.02 -8.02 -5.18
C HIS A 443 44.36 -8.42 -3.87
N TYR A 444 45.14 -8.69 -2.82
CA TYR A 444 44.54 -8.94 -1.51
C TYR A 444 43.77 -7.71 -1.04
N LEU A 445 44.34 -6.52 -1.24
CA LEU A 445 43.65 -5.29 -0.88
C LEU A 445 42.35 -5.14 -1.66
N TYR A 446 42.36 -5.53 -2.95
CA TYR A 446 41.14 -5.43 -3.75
C TYR A 446 40.07 -6.38 -3.24
N MET A 447 40.45 -7.61 -2.89
CA MET A 447 39.48 -8.54 -2.33
C MET A 447 38.93 -8.02 -1.00
N ILE A 448 39.79 -7.42 -0.18
CA ILE A 448 39.35 -6.83 1.08
C ILE A 448 38.36 -5.71 0.82
N ASN A 449 38.61 -4.87 -0.19
CA ASN A 449 37.69 -3.78 -0.50
C ASN A 449 36.36 -4.31 -0.99
N MET A 450 36.36 -5.39 -1.76
CA MET A 450 35.10 -5.99 -2.18
C MET A 450 34.34 -6.55 -0.97
N SER A 451 35.06 -7.15 -0.03
CA SER A 451 34.43 -7.56 1.23
C SER A 451 33.85 -6.36 1.97
N VAL A 452 34.53 -5.21 1.91
CA VAL A 452 34.01 -4.00 2.52
C VAL A 452 32.70 -3.59 1.86
N ALA A 453 32.63 -3.70 0.54
CA ALA A 453 31.37 -3.40 -0.15
C ALA A 453 30.25 -4.33 0.31
N ASP A 454 30.55 -5.62 0.44
CA ASP A 454 29.57 -6.56 0.96
C ASP A 454 29.13 -6.18 2.37
N MET A 455 30.07 -5.78 3.21
CA MET A 455 29.76 -5.39 4.58
C MET A 455 28.86 -4.16 4.61
N VAL A 456 29.11 -3.19 3.72
CA VAL A 456 28.26 -2.01 3.66
C VAL A 456 26.85 -2.38 3.22
N THR A 457 26.73 -3.30 2.26
CA THR A 457 25.40 -3.77 1.87
C THR A 457 24.69 -4.42 3.05
N GLY A 458 25.42 -5.23 3.81
CA GLY A 458 24.83 -5.85 5.00
C GLY A 458 24.37 -4.83 6.02
N ILE A 459 25.16 -3.77 6.21
CA ILE A 459 24.78 -2.72 7.18
C ILE A 459 23.54 -2.00 6.71
N TYR A 460 23.43 -1.74 5.40
CA TYR A 460 22.23 -1.10 4.87
C TYR A 460 20.99 -1.96 5.12
N LEU A 461 21.09 -3.25 4.81
CA LEU A 461 19.96 -4.14 5.08
C LEU A 461 19.66 -4.22 6.58
N ALA A 462 20.69 -4.14 7.42
CA ALA A 462 20.47 -4.13 8.86
C ALA A 462 19.68 -2.89 9.28
N VAL A 463 20.03 -1.73 8.71
CA VAL A 463 19.32 -0.50 9.04
C VAL A 463 17.85 -0.62 8.64
N LEU A 464 17.60 -1.13 7.43
CA LEU A 464 16.21 -1.30 7.01
C LEU A 464 15.46 -2.27 7.92
N ALA A 465 16.11 -3.38 8.30
CA ALA A 465 15.46 -4.37 9.14
C ALA A 465 15.13 -3.81 10.52
N ILE A 466 16.07 -3.10 11.13
CA ILE A 466 15.82 -2.57 12.47
C ILE A 466 14.79 -1.46 12.41
N ALA A 467 14.80 -0.66 11.34
CA ALA A 467 13.76 0.35 11.19
C ALA A 467 12.38 -0.28 11.09
N ASP A 468 12.27 -1.37 10.32
CA ASP A 468 10.96 -2.03 10.23
C ASP A 468 10.57 -2.67 11.56
N ALA A 469 11.55 -3.20 12.30
CA ALA A 469 11.24 -3.77 13.61
C ALA A 469 10.73 -2.72 14.58
N LYS A 470 11.34 -1.54 14.58
CA LYS A 470 10.98 -0.52 15.55
C LYS A 470 9.67 0.18 15.18
N MET A 471 9.52 0.54 13.92
CA MET A 471 8.44 1.42 13.48
C MET A 471 7.17 0.66 13.10
N SER A 472 7.11 -0.64 13.34
CA SER A 472 5.96 -1.44 12.93
C SER A 472 4.65 -0.88 13.48
N ASP A 473 3.62 -0.89 12.64
CA ASP A 473 2.23 -0.61 13.01
C ASP A 473 1.97 0.86 13.31
N GLU A 474 3.02 1.67 13.36
CA GLU A 474 2.90 3.10 13.58
C GLU A 474 3.71 3.92 12.57
N TYR A 475 4.04 3.33 11.42
CA TYR A 475 4.97 3.97 10.49
C TYR A 475 4.43 5.29 9.97
N TYR A 476 3.15 5.32 9.59
CA TYR A 476 2.61 6.50 8.91
C TYR A 476 2.77 7.76 9.74
N ARG A 477 2.71 7.64 11.06
CA ARG A 477 2.98 8.80 11.92
C ARG A 477 4.43 9.23 11.81
N HIS A 478 5.36 8.28 11.95
CA HIS A 478 6.78 8.58 11.97
C HIS A 478 7.40 8.63 10.57
N ALA A 479 6.62 8.36 9.53
CA ALA A 479 7.20 8.15 8.20
C ALA A 479 7.93 9.37 7.69
N VAL A 480 7.34 10.56 7.82
CA VAL A 480 7.93 11.75 7.22
C VAL A 480 9.25 12.10 7.90
N TRP A 481 9.28 11.97 9.24
CA TRP A 481 10.52 12.25 9.97
C TRP A 481 11.65 11.33 9.52
N TRP A 482 11.35 10.05 9.35
CA TRP A 482 12.39 9.12 8.90
C TRP A 482 12.77 9.41 7.44
N GLN A 483 11.78 9.62 6.59
CA GLN A 483 12.04 9.71 5.16
C GLN A 483 12.86 10.96 4.82
N THR A 484 12.48 12.11 5.36
CA THR A 484 13.26 13.32 5.12
C THR A 484 14.43 13.46 6.07
N GLY A 485 14.48 12.66 7.13
CA GLY A 485 15.46 12.85 8.18
C GLY A 485 16.87 12.47 7.77
N TRP A 486 17.79 12.73 8.70
CA TRP A 486 19.20 12.42 8.46
C TRP A 486 19.42 10.92 8.30
N GLY A 487 18.57 10.10 8.91
CA GLY A 487 18.77 8.66 8.83
C GLY A 487 18.59 8.11 7.43
N CYS A 488 17.56 8.56 6.72
CA CYS A 488 17.31 8.06 5.37
C CYS A 488 18.43 8.48 4.43
N ARG A 489 18.98 9.67 4.61
CA ARG A 489 20.11 10.09 3.79
C ARG A 489 21.32 9.18 4.04
N ALA A 490 21.54 8.80 5.30
CA ALA A 490 22.62 7.87 5.61
C ALA A 490 22.37 6.51 4.97
N ALA A 491 21.14 6.02 5.02
CA ALA A 491 20.83 4.72 4.43
C ALA A 491 21.07 4.74 2.92
N GLY A 492 20.59 5.79 2.25
CA GLY A 492 20.82 5.89 0.82
C GLY A 492 22.29 6.03 0.48
N PHE A 493 23.03 6.77 1.30
CA PHE A 493 24.47 6.86 1.13
C PHE A 493 25.11 5.47 1.19
N LEU A 494 24.76 4.70 2.22
CA LEU A 494 25.30 3.35 2.36
C LEU A 494 25.01 2.52 1.13
N ALA A 495 23.74 2.50 0.70
CA ALA A 495 23.36 1.62 -0.40
C ALA A 495 24.06 2.00 -1.70
N VAL A 496 23.99 3.27 -2.08
CA VAL A 496 24.57 3.67 -3.36
C VAL A 496 26.09 3.60 -3.32
N PHE A 497 26.70 3.89 -2.17
CA PHE A 497 28.15 3.78 -2.06
C PHE A 497 28.59 2.33 -2.17
N ALA A 498 27.87 1.40 -1.54
CA ALA A 498 28.19 0.00 -1.72
C ALA A 498 28.09 -0.41 -3.18
N SER A 499 27.02 0.02 -3.86
CA SER A 499 26.85 -0.37 -5.26
C SER A 499 28.00 0.14 -6.12
N GLU A 500 28.30 1.44 -6.02
CA GLU A 500 29.37 2.00 -6.85
C GLU A 500 30.73 1.45 -6.47
N LEU A 501 30.97 1.21 -5.18
CA LEU A 501 32.24 0.64 -4.74
C LEU A 501 32.42 -0.75 -5.33
N GLY A 502 31.36 -1.56 -5.33
CA GLY A 502 31.45 -2.88 -5.94
C GLY A 502 31.71 -2.81 -7.44
N ILE A 503 31.02 -1.91 -8.14
CA ILE A 503 31.22 -1.80 -9.58
C ILE A 503 32.65 -1.41 -9.89
N ILE A 504 33.14 -0.36 -9.23
CA ILE A 504 34.49 0.13 -9.52
C ILE A 504 35.53 -0.88 -9.05
N SER A 505 35.24 -1.65 -8.00
CA SER A 505 36.18 -2.66 -7.54
C SER A 505 36.28 -3.81 -8.52
N MET A 506 35.15 -4.26 -9.06
CA MET A 506 35.20 -5.29 -10.09
C MET A 506 35.98 -4.82 -11.30
N PHE A 507 35.70 -3.60 -11.77
CA PHE A 507 36.43 -3.08 -12.92
C PHE A 507 37.91 -2.96 -12.62
N LEU A 508 38.26 -2.48 -11.43
CA LEU A 508 39.66 -2.29 -11.07
C LEU A 508 40.40 -3.62 -10.98
N ILE A 509 39.78 -4.62 -10.35
CA ILE A 509 40.47 -5.90 -10.23
C ILE A 509 40.62 -6.56 -11.59
N ALA A 510 39.61 -6.42 -12.46
CA ALA A 510 39.73 -6.95 -13.81
C ALA A 510 40.87 -6.28 -14.56
N PHE A 511 40.93 -4.96 -14.53
CA PHE A 511 41.97 -4.24 -15.26
C PHE A 511 43.36 -4.52 -14.69
N GLU A 512 43.49 -4.58 -13.37
CA GLU A 512 44.77 -4.87 -12.75
C GLU A 512 45.27 -6.25 -13.14
N MET A 513 44.40 -7.25 -13.05
CA MET A 513 44.80 -8.60 -13.46
C MET A 513 45.16 -8.64 -14.94
N SER A 514 44.37 -7.96 -15.79
CA SER A 514 44.65 -7.97 -17.21
C SER A 514 46.02 -7.37 -17.51
N TYR A 515 46.29 -6.18 -16.96
CA TYR A 515 47.55 -5.52 -17.26
C TYR A 515 48.74 -6.28 -16.69
N ASN A 516 48.61 -6.78 -15.45
CA ASN A 516 49.71 -7.53 -14.84
C ASN A 516 50.01 -8.79 -15.65
N THR A 517 48.97 -9.54 -16.05
CA THR A 517 49.18 -10.75 -16.82
C THR A 517 49.77 -10.45 -18.19
N ARG A 518 49.25 -9.42 -18.86
CA ARG A 518 49.70 -9.10 -20.21
C ARG A 518 51.16 -8.64 -20.20
N GLN A 519 51.51 -7.73 -19.29
CA GLN A 519 52.87 -7.21 -19.28
C GLN A 519 53.85 -8.21 -18.69
N SER A 520 53.40 -9.09 -17.78
CA SER A 520 54.31 -10.05 -17.17
C SER A 520 54.87 -11.02 -18.21
N PHE A 521 54.03 -11.45 -19.16
CA PHE A 521 54.52 -12.33 -20.22
C PHE A 521 55.47 -11.58 -21.15
N ARG A 522 55.20 -10.29 -21.39
CA ARG A 522 56.11 -9.49 -22.21
C ARG A 522 57.39 -9.14 -21.45
N GLY A 523 57.32 -9.10 -20.12
CA GLY A 523 58.47 -8.78 -19.31
C GLY A 523 58.37 -7.48 -18.52
N ARG A 524 57.22 -6.83 -18.51
CA ARG A 524 56.99 -5.60 -17.76
C ARG A 524 55.87 -5.83 -16.76
N ARG A 525 55.42 -4.75 -16.11
CA ARG A 525 54.33 -4.86 -15.15
C ARG A 525 53.76 -3.48 -14.89
N LEU A 526 52.44 -3.44 -14.69
CA LEU A 526 51.80 -2.23 -14.19
C LEU A 526 52.18 -2.03 -12.72
N SER A 527 52.48 -0.79 -12.36
CA SER A 527 53.00 -0.52 -11.03
C SER A 527 51.94 -0.85 -9.99
N PRO A 528 52.29 -1.59 -8.93
CA PRO A 528 51.33 -1.81 -7.83
C PRO A 528 50.92 -0.52 -7.14
N LYS A 529 51.82 0.46 -7.07
CA LYS A 529 51.42 1.76 -6.54
C LYS A 529 50.40 2.43 -7.44
N VAL A 530 50.52 2.24 -8.75
CA VAL A 530 49.46 2.69 -9.66
C VAL A 530 48.17 1.95 -9.36
N GLY A 531 48.25 0.69 -9.00
CA GLY A 531 47.05 -0.05 -8.60
C GLY A 531 46.40 0.52 -7.36
N VAL A 532 47.20 0.86 -6.36
CA VAL A 532 46.67 1.48 -5.15
C VAL A 532 46.06 2.84 -5.48
N LEU A 533 46.71 3.60 -6.36
CA LEU A 533 46.16 4.88 -6.78
C LEU A 533 44.82 4.71 -7.49
N LEU A 534 44.70 3.67 -8.32
CA LEU A 534 43.42 3.39 -8.96
C LEU A 534 42.37 2.99 -7.94
N MET A 535 42.78 2.25 -6.90
CA MET A 535 41.83 1.87 -5.85
C MET A 535 41.32 3.10 -5.11
N ILE A 536 42.21 4.01 -4.74
CA ILE A 536 41.77 5.19 -4.01
C ILE A 536 40.98 6.12 -4.94
N GLY A 537 41.30 6.13 -6.23
CA GLY A 537 40.48 6.89 -7.17
C GLY A 537 39.08 6.34 -7.29
N GLY A 538 38.94 5.02 -7.35
CA GLY A 538 37.62 4.43 -7.36
C GLY A 538 36.87 4.64 -6.06
N TRP A 539 37.59 4.62 -4.94
CA TRP A 539 36.96 4.88 -3.64
C TRP A 539 36.44 6.31 -3.58
N LEU A 540 37.23 7.27 -4.08
CA LEU A 540 36.76 8.66 -4.14
C LEU A 540 35.61 8.80 -5.12
N PHE A 541 35.62 8.04 -6.21
CA PHE A 541 34.51 8.05 -7.14
C PHE A 541 33.22 7.61 -6.46
N ALA A 542 33.28 6.49 -5.73
CA ALA A 542 32.10 6.00 -5.02
C ALA A 542 31.65 7.00 -3.95
N ILE A 543 32.61 7.56 -3.21
CA ILE A 543 32.26 8.50 -2.14
C ILE A 543 31.59 9.74 -2.71
N ILE A 544 32.13 10.29 -3.79
CA ILE A 544 31.56 11.49 -4.37
C ILE A 544 30.24 11.19 -5.08
N MET A 545 30.08 9.95 -5.57
CA MET A 545 28.80 9.57 -6.15
C MET A 545 27.73 9.40 -5.08
N ALA A 546 28.14 9.04 -3.86
CA ALA A 546 27.19 8.83 -2.78
C ALA A 546 26.91 10.09 -1.97
N ILE A 547 27.88 10.99 -1.86
CA ILE A 547 27.73 12.17 -1.00
C ILE A 547 26.99 13.29 -1.74
N LEU A 548 27.09 13.34 -3.06
CA LEU A 548 26.37 14.36 -3.82
C LEU A 548 24.86 14.26 -3.65
N PRO A 549 24.22 13.09 -3.73
CA PRO A 549 22.76 13.03 -3.55
C PRO A 549 22.28 13.49 -2.19
N TRP A 550 23.17 13.62 -1.20
CA TRP A 550 22.81 14.32 0.04
C TRP A 550 22.23 15.69 -0.28
N PHE A 551 22.92 16.43 -1.14
CA PHE A 551 22.41 17.71 -1.63
C PHE A 551 21.34 17.47 -2.69
N ASP A 552 20.83 18.57 -3.23
CA ASP A 552 19.63 18.53 -4.07
C ASP A 552 19.91 18.09 -5.50
N VAL A 553 21.05 17.47 -5.78
CA VAL A 553 21.26 16.92 -7.12
C VAL A 553 20.32 15.75 -7.36
N SER A 554 20.06 14.95 -6.33
CA SER A 554 19.04 13.91 -6.38
C SER A 554 18.76 13.47 -4.96
N SER A 555 17.51 13.61 -4.51
CA SER A 555 17.17 13.37 -3.12
C SER A 555 16.87 11.91 -2.87
N TYR A 556 17.14 11.47 -1.64
CA TYR A 556 16.82 10.12 -1.19
C TYR A 556 15.43 10.00 -0.61
N SER A 557 14.69 11.10 -0.50
CA SER A 557 13.42 11.11 0.21
C SER A 557 12.26 10.57 -0.61
N GLU A 558 12.49 10.14 -1.84
CA GLU A 558 11.40 9.75 -2.72
C GLU A 558 11.01 8.28 -2.59
N SER A 559 11.65 7.53 -1.70
CA SER A 559 11.32 6.13 -1.48
C SER A 559 11.40 5.81 0.01
N SER A 560 10.61 4.82 0.43
CA SER A 560 10.57 4.45 1.84
C SER A 560 11.79 3.65 2.27
N VAL A 561 12.55 3.09 1.33
CA VAL A 561 13.76 2.35 1.63
C VAL A 561 15.01 3.16 1.33
N CYS A 562 14.85 4.46 1.05
CA CYS A 562 15.96 5.39 0.87
C CYS A 562 16.81 5.06 -0.36
N LEU A 563 16.15 4.67 -1.44
CA LEU A 563 16.92 4.56 -2.67
C LEU A 563 16.67 5.77 -3.57
N PRO A 564 17.65 6.16 -4.40
CA PRO A 564 17.52 7.41 -5.18
C PRO A 564 16.66 7.27 -6.42
N LEU A 565 15.36 6.99 -6.22
CA LEU A 565 14.40 7.00 -7.32
C LEU A 565 13.88 8.43 -7.54
N ARG A 566 14.81 9.35 -7.76
CA ARG A 566 14.51 10.76 -7.92
C ARG A 566 14.90 11.21 -9.32
N ALA A 567 13.92 11.77 -10.06
CA ALA A 567 14.22 12.45 -11.32
C ALA A 567 13.11 13.47 -11.55
N ALA A 568 13.38 14.72 -11.19
CA ALA A 568 12.44 15.82 -11.39
C ALA A 568 13.08 17.06 -12.00
N THR A 569 14.32 17.38 -11.62
CA THR A 569 14.95 18.64 -11.99
C THR A 569 15.74 18.55 -13.29
N ILE A 570 15.73 17.40 -13.97
CA ILE A 570 16.47 17.16 -15.21
C ILE A 570 17.96 17.08 -14.94
N PHE A 571 18.45 17.87 -13.98
CA PHE A 571 19.82 17.67 -13.51
C PHE A 571 19.96 16.35 -12.77
N ASP A 572 18.94 15.98 -11.99
CA ASP A 572 18.90 14.63 -11.44
C ASP A 572 18.85 13.59 -12.55
N LYS A 573 18.17 13.92 -13.64
CA LYS A 573 18.22 13.05 -14.82
C LYS A 573 19.65 12.95 -15.34
N SER A 574 20.41 14.05 -15.27
CA SER A 574 21.81 13.99 -15.68
C SER A 574 22.61 13.07 -14.75
N TYR A 575 22.33 13.13 -13.45
CA TYR A 575 23.01 12.24 -12.51
C TYR A 575 22.69 10.77 -12.81
N LEU A 576 21.42 10.48 -13.04
CA LEU A 576 21.04 9.10 -13.34
C LEU A 576 21.59 8.63 -14.67
N ILE A 577 21.68 9.53 -15.65
CA ILE A 577 22.29 9.19 -16.94
C ILE A 577 23.77 8.90 -16.76
N PHE A 578 24.45 9.68 -15.90
CA PHE A 578 25.84 9.41 -15.60
C PHE A 578 26.01 8.04 -14.97
N GLY A 579 25.12 7.69 -14.04
CA GLY A 579 25.19 6.37 -13.43
C GLY A 579 24.96 5.25 -14.43
N LEU A 580 23.95 5.40 -15.29
CA LEU A 580 23.67 4.37 -16.29
C LEU A 580 24.82 4.25 -17.29
N SER A 581 25.39 5.38 -17.71
CA SER A 581 26.52 5.35 -18.62
C SER A 581 27.72 4.68 -17.97
N PHE A 582 27.93 4.91 -16.68
CA PHE A 582 29.03 4.25 -15.99
C PHE A 582 28.80 2.74 -15.89
N ASN A 583 27.54 2.33 -15.68
CA ASN A 583 27.24 0.90 -15.68
C ASN A 583 27.50 0.28 -17.05
N PHE A 584 27.09 0.96 -18.12
CA PHE A 584 27.36 0.47 -19.46
C PHE A 584 28.86 0.38 -19.75
N LEU A 585 29.61 1.41 -19.35
CA LEU A 585 31.06 1.41 -19.54
C LEU A 585 31.71 0.30 -18.74
N ALA A 586 31.24 0.06 -17.52
CA ALA A 586 31.76 -1.04 -16.72
C ALA A 586 31.51 -2.38 -17.39
N PHE A 587 30.30 -2.59 -17.91
CA PHE A 587 29.99 -3.85 -18.59
C PHE A 587 30.88 -4.04 -19.82
N ALA A 588 30.99 -3.00 -20.65
CA ALA A 588 31.82 -3.11 -21.85
C ALA A 588 33.28 -3.34 -21.51
N ALA A 589 33.79 -2.61 -20.52
CA ALA A 589 35.18 -2.76 -20.11
C ALA A 589 35.44 -4.16 -19.56
N MET A 590 34.50 -4.68 -18.75
CA MET A 590 34.72 -6.02 -18.21
C MET A 590 34.70 -7.05 -19.32
N ALA A 591 33.77 -6.93 -20.29
CA ALA A 591 33.74 -7.89 -21.39
C ALA A 591 35.04 -7.87 -22.18
N LEU A 592 35.51 -6.67 -22.55
CA LEU A 592 36.71 -6.56 -23.37
C LEU A 592 37.96 -6.99 -22.61
N SER A 593 38.10 -6.53 -21.36
CA SER A 593 39.27 -6.89 -20.56
C SER A 593 39.30 -8.38 -20.28
N TYR A 594 38.14 -8.99 -20.04
CA TYR A 594 38.08 -10.42 -19.82
C TYR A 594 38.44 -11.20 -21.08
N GLY A 595 37.99 -10.73 -22.25
CA GLY A 595 38.43 -11.35 -23.48
C GLY A 595 39.94 -11.27 -23.69
N PHE A 596 40.51 -10.11 -23.36
CA PHE A 596 41.96 -9.96 -23.45
C PHE A 596 42.68 -10.87 -22.46
N ILE A 597 42.12 -11.03 -21.26
CA ILE A 597 42.67 -11.95 -20.28
C ILE A 597 42.65 -13.37 -20.82
N VAL A 598 41.55 -13.77 -21.46
CA VAL A 598 41.46 -15.10 -22.05
C VAL A 598 42.53 -15.28 -23.12
N LYS A 599 42.73 -14.26 -23.95
CA LYS A 599 43.76 -14.33 -24.98
C LYS A 599 45.15 -14.49 -24.36
N MET A 600 45.45 -13.71 -23.32
CA MET A 600 46.76 -13.80 -22.68
C MET A 600 46.97 -15.14 -22.02
N LEU A 601 45.92 -15.69 -21.39
CA LEU A 601 46.01 -17.03 -20.82
C LEU A 601 46.22 -18.09 -21.89
N LYS A 602 45.64 -17.89 -23.07
CA LYS A 602 45.97 -18.75 -24.20
C LYS A 602 47.43 -18.62 -24.60
N GLU A 603 48.00 -17.42 -24.46
CA GLU A 603 49.42 -17.24 -24.81
C GLU A 603 50.33 -17.92 -23.79
N ASN A 604 50.09 -17.73 -22.50
CA ASN A 604 50.95 -18.29 -21.47
C ASN A 604 50.12 -18.64 -20.24
N GLU A 605 50.70 -19.49 -19.38
CA GLU A 605 50.03 -19.99 -18.19
C GLU A 605 50.56 -19.29 -16.95
N THR A 606 49.78 -19.39 -15.86
CA THR A 606 50.07 -18.73 -14.60
C THR A 606 50.65 -19.73 -13.60
N ARG A 607 50.82 -19.28 -12.36
CA ARG A 607 51.40 -20.09 -11.29
C ARG A 607 50.35 -21.07 -10.76
N GLU A 608 50.61 -21.67 -9.60
CA GLU A 608 49.76 -22.75 -9.10
C GLU A 608 49.03 -22.42 -7.81
N GLU A 609 49.72 -21.98 -6.76
CA GLU A 609 49.04 -21.79 -5.49
C GLU A 609 48.07 -20.61 -5.55
N ASP A 610 48.40 -19.58 -6.32
CA ASP A 610 47.49 -18.47 -6.54
C ASP A 610 46.64 -18.66 -7.80
N ARG A 611 46.77 -19.79 -8.49
CA ARG A 611 45.91 -20.06 -9.63
C ARG A 611 44.45 -20.20 -9.22
N ALA A 612 44.18 -20.42 -7.94
CA ALA A 612 42.81 -20.32 -7.46
C ALA A 612 42.22 -18.94 -7.74
N LEU A 613 43.02 -17.89 -7.49
CA LEU A 613 42.57 -16.54 -7.82
C LEU A 613 42.40 -16.36 -9.32
N ILE A 614 43.25 -17.01 -10.12
CA ILE A 614 43.09 -16.95 -11.57
C ILE A 614 41.77 -17.58 -11.99
N THR A 615 41.44 -18.72 -11.40
CA THR A 615 40.16 -19.36 -11.67
C THR A 615 39.00 -18.47 -11.21
N LYS A 616 39.17 -17.77 -10.09
CA LYS A 616 38.15 -16.84 -9.63
C LYS A 616 37.98 -15.70 -10.63
N MET A 617 39.07 -15.22 -11.22
CA MET A 617 38.98 -14.22 -12.28
C MET A 617 38.22 -14.78 -13.49
N THR A 618 38.49 -16.04 -13.84
CA THR A 618 37.76 -16.65 -14.96
C THR A 618 36.26 -16.76 -14.65
N VAL A 619 35.92 -17.13 -13.41
CA VAL A 619 34.52 -17.19 -13.04
C VAL A 619 33.91 -15.80 -13.02
N LEU A 620 34.71 -14.77 -12.70
CA LEU A 620 34.25 -13.40 -12.90
C LEU A 620 33.95 -13.15 -14.36
N VAL A 621 34.83 -13.60 -15.26
CA VAL A 621 34.63 -13.45 -16.70
C VAL A 621 33.27 -14.02 -17.09
N VAL A 622 32.94 -15.19 -16.55
CA VAL A 622 31.67 -15.83 -16.88
C VAL A 622 30.51 -15.06 -16.24
N THR A 623 30.52 -14.96 -14.91
CA THR A 623 29.33 -14.56 -14.17
C THR A 623 29.03 -13.07 -14.31
N ASP A 624 30.06 -12.22 -14.33
CA ASP A 624 29.80 -10.78 -14.47
C ASP A 624 29.10 -10.49 -15.80
N LEU A 625 29.58 -11.10 -16.88
CA LEU A 625 28.91 -10.93 -18.17
C LEU A 625 27.51 -11.54 -18.12
N ILE A 626 27.37 -12.73 -17.54
CA ILE A 626 26.07 -13.38 -17.46
C ILE A 626 25.05 -12.48 -16.77
N CYS A 627 25.46 -11.83 -15.68
CA CYS A 627 24.52 -11.06 -14.88
C CYS A 627 24.28 -9.67 -15.45
N TRP A 628 25.32 -9.00 -15.95
CA TRP A 628 25.13 -7.66 -16.45
C TRP A 628 24.55 -7.62 -17.87
N PHE A 629 24.53 -8.76 -18.57
CA PHE A 629 23.85 -8.81 -19.86
C PHE A 629 22.36 -8.50 -19.74
N PRO A 630 21.59 -9.12 -18.85
CA PRO A 630 20.16 -8.75 -18.75
C PRO A 630 19.92 -7.42 -18.06
N THR A 631 20.89 -6.88 -17.32
CA THR A 631 20.69 -5.59 -16.66
C THR A 631 20.41 -4.49 -17.67
N LEU A 632 21.30 -4.36 -18.66
CA LEU A 632 21.10 -3.34 -19.69
C LEU A 632 19.90 -3.65 -20.57
N PHE A 633 19.62 -4.93 -20.81
CA PHE A 633 18.44 -5.29 -21.58
C PHE A 633 17.17 -4.86 -20.88
N PHE A 634 17.09 -5.06 -19.56
CA PHE A 634 15.92 -4.63 -18.81
C PHE A 634 15.83 -3.11 -18.76
N GLY A 635 16.98 -2.43 -18.62
CA GLY A 635 16.97 -0.98 -18.68
C GLY A 635 16.45 -0.45 -20.01
N PHE A 636 16.86 -1.09 -21.11
CA PHE A 636 16.40 -0.67 -22.43
C PHE A 636 14.92 -0.98 -22.63
N THR A 637 14.46 -2.14 -22.15
CA THR A 637 13.04 -2.45 -22.25
C THR A 637 12.19 -1.55 -21.36
N ALA A 638 12.79 -0.94 -20.33
CA ALA A 638 12.11 0.01 -19.47
C ALA A 638 12.24 1.45 -19.95
N THR A 639 12.42 1.66 -21.26
CA THR A 639 12.58 3.02 -21.78
C THR A 639 11.37 3.89 -21.49
N ILE A 640 10.19 3.28 -21.32
CA ILE A 640 9.01 4.05 -20.96
C ILE A 640 9.15 4.64 -19.56
N GLY A 641 9.80 3.92 -18.65
CA GLY A 641 9.99 4.41 -17.30
C GLY A 641 8.73 4.52 -16.48
N PHE A 642 7.82 3.56 -16.61
CA PHE A 642 6.58 3.56 -15.85
C PHE A 642 6.88 3.46 -14.35
N PRO A 643 6.37 4.38 -13.54
CA PRO A 643 6.65 4.33 -12.10
C PRO A 643 6.04 3.09 -11.45
N LEU A 644 6.68 2.66 -10.36
CA LEU A 644 6.24 1.56 -9.50
C LEU A 644 6.40 0.20 -10.19
N LEU A 645 6.73 0.21 -11.47
CA LEU A 645 7.05 -1.02 -12.19
C LEU A 645 8.50 -1.01 -12.68
N SER A 646 8.91 0.03 -13.42
CA SER A 646 10.29 0.15 -13.82
C SER A 646 11.18 0.55 -12.64
N LEU A 647 10.65 1.36 -11.72
CA LEU A 647 11.40 1.71 -10.52
C LEU A 647 11.67 0.47 -9.67
N SER A 648 10.69 -0.41 -9.55
CA SER A 648 10.91 -1.67 -8.85
C SER A 648 11.96 -2.50 -9.55
N SER A 649 11.95 -2.50 -10.88
CA SER A 649 12.97 -3.23 -11.64
C SER A 649 14.36 -2.65 -11.37
N ALA A 650 14.47 -1.32 -11.31
CA ALA A 650 15.76 -0.70 -11.02
C ALA A 650 16.23 -1.05 -9.62
N LYS A 651 15.32 -1.03 -8.64
CA LYS A 651 15.68 -1.42 -7.28
C LYS A 651 16.16 -2.86 -7.22
N PHE A 652 15.45 -3.75 -7.92
CA PHE A 652 15.84 -5.16 -7.94
C PHE A 652 17.20 -5.35 -8.61
N VAL A 653 17.46 -4.59 -9.68
CA VAL A 653 18.75 -4.67 -10.35
C VAL A 653 19.87 -4.23 -9.42
N LEU A 654 19.66 -3.09 -8.73
CA LEU A 654 20.68 -2.59 -7.82
C LEU A 654 20.93 -3.56 -6.67
N VAL A 655 19.86 -4.16 -6.14
CA VAL A 655 20.00 -5.07 -5.00
C VAL A 655 20.38 -6.49 -5.42
N PHE A 656 20.39 -6.79 -6.71
CA PHE A 656 20.88 -8.09 -7.18
C PHE A 656 22.32 -8.04 -7.64
N PHE A 657 22.62 -7.22 -8.66
CA PHE A 657 23.77 -7.52 -9.50
C PHE A 657 25.11 -7.13 -8.85
N PHE A 658 25.19 -5.96 -8.20
CA PHE A 658 26.37 -5.71 -7.39
C PHE A 658 26.40 -6.67 -6.19
N PRO A 659 25.27 -6.87 -5.49
CA PRO A 659 25.28 -7.87 -4.41
C PRO A 659 25.63 -9.27 -4.87
N ILE A 660 25.52 -9.58 -6.16
CA ILE A 660 26.03 -10.87 -6.65
C ILE A 660 27.47 -11.06 -6.23
N ASN A 661 28.36 -10.19 -6.73
CA ASN A 661 29.77 -10.29 -6.37
C ASN A 661 29.98 -10.02 -4.88
N ALA A 662 29.22 -9.07 -4.33
CA ALA A 662 29.40 -8.73 -2.91
C ALA A 662 29.21 -9.95 -2.02
N PHE A 663 28.10 -10.67 -2.20
CA PHE A 663 27.82 -11.86 -1.40
C PHE A 663 28.72 -13.02 -1.81
N ALA A 664 29.08 -13.10 -3.10
CA ALA A 664 29.97 -14.17 -3.54
C ALA A 664 31.33 -14.09 -2.87
N ASN A 665 31.77 -12.87 -2.54
CA ASN A 665 33.14 -12.62 -2.05
C ASN A 665 33.72 -13.68 -1.14
N PRO A 666 33.06 -14.18 -0.10
CA PRO A 666 33.64 -15.30 0.65
C PRO A 666 33.79 -16.55 -0.20
N PHE A 667 32.71 -17.00 -0.81
CA PHE A 667 32.76 -18.24 -1.58
C PHE A 667 33.43 -18.04 -2.93
N LEU A 668 33.42 -16.81 -3.44
CA LEU A 668 34.21 -16.49 -4.62
C LEU A 668 35.69 -16.58 -4.32
N TYR A 669 36.14 -15.91 -3.25
CA TYR A 669 37.57 -15.83 -2.95
C TYR A 669 38.12 -17.08 -2.27
N VAL A 670 37.26 -18.00 -1.82
CA VAL A 670 37.77 -19.28 -1.34
C VAL A 670 37.72 -20.29 -2.47
N HIS B 19 -32.89 -1.39 35.38
CA HIS B 19 -32.16 -0.86 36.53
C HIS B 19 -32.96 -1.02 37.82
N SER B 20 -34.24 -0.67 37.78
CA SER B 20 -35.08 -0.74 38.97
C SER B 20 -35.21 -2.17 39.48
N CYS B 21 -35.38 -3.13 38.56
CA CYS B 21 -35.48 -4.53 38.97
C CYS B 21 -34.21 -5.00 39.65
N MET B 22 -33.05 -4.63 39.10
CA MET B 22 -31.78 -5.01 39.73
C MET B 22 -31.61 -4.33 41.08
N ALA B 23 -32.05 -3.07 41.19
CA ALA B 23 -31.95 -2.37 42.47
C ALA B 23 -32.81 -3.05 43.52
N LEU B 24 -34.03 -3.46 43.16
CA LEU B 24 -34.88 -4.18 44.09
C LEU B 24 -34.32 -5.56 44.42
N LYS B 25 -33.70 -6.22 43.45
CA LYS B 25 -33.10 -7.52 43.68
C LYS B 25 -31.91 -7.44 44.63
N ALA B 26 -31.15 -6.34 44.56
CA ALA B 26 -29.92 -6.21 45.36
C ALA B 26 -30.22 -6.34 46.85
N GLU B 27 -31.43 -6.00 47.29
CA GLU B 27 -31.79 -6.17 48.69
C GLU B 27 -32.23 -7.60 48.98
N ASP B 28 -31.40 -8.57 48.58
CA ASP B 28 -31.71 -9.99 48.76
C ASP B 28 -33.08 -10.33 48.17
N GLY B 29 -33.33 -9.85 46.95
CA GLY B 29 -34.62 -9.99 46.32
C GLY B 29 -34.96 -11.41 45.87
N GLU B 30 -34.94 -12.36 46.80
CA GLU B 30 -35.30 -13.75 46.52
C GLU B 30 -36.83 -13.86 46.49
N GLY B 31 -37.42 -13.18 45.52
CA GLY B 31 -38.86 -13.20 45.38
C GLY B 31 -39.30 -12.30 44.24
N CYS B 32 -40.57 -12.42 43.88
CA CYS B 32 -41.18 -11.56 42.88
C CYS B 32 -41.60 -10.25 43.51
N THR B 33 -41.38 -9.15 42.79
CA THR B 33 -41.71 -7.83 43.29
C THR B 33 -42.18 -6.97 42.12
N CYS B 34 -43.06 -6.02 42.42
CA CYS B 34 -43.58 -5.09 41.42
C CYS B 34 -43.47 -3.66 41.94
N LYS B 35 -43.27 -2.73 41.02
CA LYS B 35 -43.18 -1.32 41.35
C LYS B 35 -43.89 -0.50 40.28
N GLN B 36 -44.71 0.46 40.71
CA GLN B 36 -45.47 1.30 39.79
C GLN B 36 -44.65 2.52 39.43
N THR B 37 -43.89 2.42 38.34
CA THR B 37 -43.09 3.54 37.88
C THR B 37 -43.97 4.61 37.27
N LYS B 38 -43.75 5.86 37.67
CA LYS B 38 -44.53 6.96 37.13
C LYS B 38 -44.11 7.31 35.70
N ARG B 39 -42.85 7.04 35.35
CA ARG B 39 -42.39 7.35 34.00
C ARG B 39 -43.13 6.54 32.95
N TYR B 40 -43.33 5.25 33.21
CA TYR B 40 -43.99 4.36 32.26
C TYR B 40 -45.50 4.26 32.47
N GLY B 41 -46.01 4.77 33.58
CA GLY B 41 -47.43 4.66 33.88
C GLY B 41 -47.80 3.30 34.43
N GLN B 42 -47.66 2.26 33.61
CA GLN B 42 -47.93 0.90 34.07
C GLN B 42 -46.80 0.43 34.99
N PRO B 43 -47.13 -0.36 36.01
CA PRO B 43 -46.09 -0.83 36.94
C PRO B 43 -45.14 -1.82 36.29
N GLU B 44 -43.93 -1.88 36.86
CA GLU B 44 -42.90 -2.81 36.45
C GLU B 44 -42.78 -3.92 37.48
N CYS B 45 -42.73 -5.16 37.01
CA CYS B 45 -42.64 -6.33 37.89
C CYS B 45 -41.35 -7.10 37.62
N CYS B 46 -40.80 -7.67 38.69
CA CYS B 46 -39.56 -8.42 38.62
C CYS B 46 -39.71 -9.69 39.45
N CYS B 47 -39.02 -10.75 39.00
CA CYS B 47 -38.95 -12.00 39.74
C CYS B 47 -37.51 -12.46 39.77
N MET B 48 -37.11 -13.06 40.91
CA MET B 48 -35.73 -13.47 41.10
C MET B 48 -35.67 -14.57 42.14
N GLY B 49 -34.71 -15.46 42.00
CA GLY B 49 -34.45 -16.50 42.99
C GLY B 49 -35.09 -17.82 42.63
N LEU B 50 -34.45 -18.90 43.10
CA LEU B 50 -34.96 -20.24 42.85
C LEU B 50 -36.27 -20.51 43.57
N ILE B 51 -36.60 -19.70 44.60
CA ILE B 51 -37.86 -19.87 45.29
C ILE B 51 -39.05 -19.64 44.36
N VAL B 52 -38.86 -18.89 43.30
CA VAL B 52 -39.92 -18.68 42.30
C VAL B 52 -39.77 -19.83 41.30
N SER B 53 -40.35 -20.97 41.68
CA SER B 53 -40.31 -22.17 40.86
C SER B 53 -41.45 -22.25 39.86
N GLN B 54 -42.36 -21.28 39.88
CA GLN B 54 -43.54 -21.30 39.03
C GLN B 54 -44.03 -19.86 38.88
N LEU B 55 -45.27 -19.71 38.40
CA LEU B 55 -45.88 -18.40 38.27
C LEU B 55 -46.04 -17.75 39.66
N PRO B 56 -46.10 -16.42 39.71
CA PRO B 56 -46.18 -15.74 41.01
C PRO B 56 -47.41 -16.15 41.80
N THR B 57 -47.27 -16.10 43.14
CA THR B 57 -48.30 -16.62 44.03
C THR B 57 -49.61 -15.84 43.90
N ASN B 58 -49.59 -14.55 44.25
CA ASN B 58 -50.78 -13.73 44.16
C ASN B 58 -50.67 -12.60 43.15
N LEU B 59 -49.44 -12.22 42.75
CA LEU B 59 -49.16 -11.44 41.55
C LEU B 59 -49.93 -10.13 41.44
N THR B 60 -49.80 -9.48 40.27
CA THR B 60 -50.57 -8.30 39.92
C THR B 60 -51.02 -8.43 38.47
N ALA B 61 -52.18 -7.86 38.16
CA ALA B 61 -52.77 -8.00 36.84
C ALA B 61 -52.36 -6.90 35.86
N ASP B 62 -51.64 -5.88 36.33
CA ASP B 62 -51.28 -4.72 35.52
C ASP B 62 -49.79 -4.69 35.16
N VAL B 63 -49.17 -5.86 35.03
CA VAL B 63 -47.74 -5.93 34.74
C VAL B 63 -47.46 -5.22 33.42
N GLY B 64 -46.66 -4.15 33.48
CA GLY B 64 -46.25 -3.44 32.28
C GLY B 64 -44.90 -3.91 31.76
N TYR B 65 -43.89 -3.87 32.62
CA TYR B 65 -42.57 -4.41 32.32
C TYR B 65 -42.35 -5.68 33.14
N LEU B 66 -41.78 -6.69 32.50
CA LEU B 66 -41.56 -7.98 33.14
C LEU B 66 -40.09 -8.36 33.03
N TYR B 67 -39.50 -8.78 34.15
CA TYR B 67 -38.12 -9.22 34.19
C TYR B 67 -38.02 -10.45 35.08
N LEU B 68 -37.34 -11.48 34.58
CA LEU B 68 -37.10 -12.71 35.32
C LEU B 68 -35.64 -13.06 35.23
N HIS B 69 -34.94 -13.03 36.37
CA HIS B 69 -33.52 -13.34 36.43
C HIS B 69 -33.31 -14.57 37.29
N ASN B 70 -32.46 -15.49 36.79
CA ASN B 70 -32.10 -16.71 37.53
C ASN B 70 -33.34 -17.45 38.04
N THR B 71 -34.37 -17.49 37.19
CA THR B 71 -35.64 -18.07 37.57
C THR B 71 -35.61 -19.58 37.43
N SER B 72 -36.28 -20.27 38.37
CA SER B 72 -36.34 -21.72 38.39
C SER B 72 -37.55 -22.27 37.63
N ILE B 73 -38.05 -21.54 36.63
CA ILE B 73 -39.18 -22.03 35.85
C ILE B 73 -38.79 -23.30 35.12
N SER B 74 -39.73 -24.26 35.08
CA SER B 74 -39.47 -25.56 34.47
C SER B 74 -39.97 -25.63 33.03
N VAL B 75 -41.24 -25.31 32.81
CA VAL B 75 -41.84 -25.36 31.48
C VAL B 75 -42.77 -24.16 31.33
N ILE B 76 -43.07 -23.82 30.08
CA ILE B 76 -43.94 -22.70 29.74
C ILE B 76 -45.16 -23.24 29.03
N THR B 77 -46.33 -22.79 29.47
CA THR B 77 -47.62 -23.19 28.95
C THR B 77 -48.39 -21.90 28.68
N PRO B 78 -49.19 -21.83 27.62
CA PRO B 78 -49.86 -20.56 27.29
C PRO B 78 -50.65 -19.97 28.45
N ASN B 79 -51.12 -20.79 29.39
CA ASN B 79 -51.79 -20.26 30.56
C ASN B 79 -50.88 -19.37 31.42
N PHE B 80 -49.56 -19.52 31.28
CA PHE B 80 -48.64 -18.73 32.09
C PHE B 80 -48.81 -17.23 31.82
N PHE B 81 -48.90 -16.85 30.56
CA PHE B 81 -48.99 -15.43 30.22
C PHE B 81 -50.43 -14.93 30.15
N ASP B 82 -51.39 -15.81 29.86
CA ASP B 82 -52.79 -15.39 29.77
C ASP B 82 -53.33 -14.88 31.10
N LYS B 83 -52.68 -15.22 32.21
CA LYS B 83 -53.12 -14.73 33.52
C LYS B 83 -53.03 -13.22 33.61
N PHE B 84 -51.98 -12.64 33.03
CA PHE B 84 -51.77 -11.18 33.07
C PHE B 84 -51.47 -10.70 31.66
N PRO B 85 -52.52 -10.49 30.85
CA PRO B 85 -52.32 -10.13 29.44
C PRO B 85 -51.83 -8.70 29.23
N SER B 86 -51.48 -8.00 30.31
CA SER B 86 -51.05 -6.62 30.21
C SER B 86 -49.56 -6.47 29.93
N ILE B 87 -48.80 -7.57 29.92
CA ILE B 87 -47.34 -7.48 29.81
C ILE B 87 -46.97 -6.83 28.48
N ARG B 88 -46.23 -5.72 28.56
CA ARG B 88 -45.79 -4.99 27.38
C ARG B 88 -44.37 -5.32 26.97
N GLU B 89 -43.48 -5.62 27.91
CA GLU B 89 -42.10 -5.96 27.63
C GLU B 89 -41.72 -7.20 28.42
N LEU B 90 -40.88 -8.04 27.82
CA LEU B 90 -40.46 -9.30 28.42
C LEU B 90 -38.95 -9.45 28.35
N GLU B 91 -38.36 -10.01 29.40
CA GLU B 91 -36.94 -10.35 29.40
C GLU B 91 -36.72 -11.50 30.36
N ILE B 92 -36.14 -12.59 29.86
CA ILE B 92 -35.85 -13.78 30.64
C ILE B 92 -34.36 -14.02 30.59
N ASP B 93 -33.73 -14.18 31.75
CA ASP B 93 -32.28 -14.29 31.84
C ASP B 93 -31.91 -15.40 32.82
N ASN B 94 -30.85 -16.14 32.48
CA ASN B 94 -30.29 -17.18 33.33
C ASN B 94 -31.34 -18.20 33.76
N SER B 95 -32.19 -18.60 32.82
CA SER B 95 -33.15 -19.67 33.08
C SER B 95 -32.46 -21.03 33.00
N ALA B 96 -31.72 -21.39 34.06
CA ALA B 96 -30.87 -22.57 34.01
C ALA B 96 -31.65 -23.86 33.81
N HIS B 97 -32.78 -24.02 34.49
CA HIS B 97 -33.56 -25.25 34.43
C HIS B 97 -34.52 -25.28 33.23
N LEU B 98 -34.65 -24.17 32.51
CA LEU B 98 -35.70 -24.04 31.50
C LEU B 98 -35.57 -25.11 30.43
N GLU B 99 -36.60 -25.95 30.30
CA GLU B 99 -36.59 -27.03 29.32
C GLU B 99 -37.19 -26.58 27.99
N HIS B 100 -38.38 -25.98 28.03
CA HIS B 100 -39.10 -25.70 26.80
C HIS B 100 -39.99 -24.47 26.96
N ILE B 101 -40.18 -23.75 25.87
CA ILE B 101 -41.13 -22.66 25.76
C ILE B 101 -41.94 -22.90 24.48
N ASP B 102 -43.18 -22.41 24.47
CA ASP B 102 -44.03 -22.47 23.28
C ASP B 102 -44.19 -21.07 22.71
N GLY B 103 -43.98 -20.93 21.40
CA GLY B 103 -44.13 -19.64 20.76
C GLY B 103 -45.56 -19.13 20.80
N SER B 104 -46.53 -20.05 20.90
CA SER B 104 -47.93 -19.63 20.96
C SER B 104 -48.21 -18.79 22.20
N SER B 105 -47.55 -19.11 23.32
CA SER B 105 -47.76 -18.35 24.55
C SER B 105 -47.35 -16.89 24.36
N LEU B 106 -46.20 -16.66 23.72
CA LEU B 106 -45.79 -15.29 23.45
C LEU B 106 -46.64 -14.65 22.36
N SER B 107 -47.14 -15.44 21.41
CA SER B 107 -47.99 -14.90 20.36
C SER B 107 -49.32 -14.40 20.93
N VAL B 108 -49.87 -15.10 21.92
CA VAL B 108 -51.12 -14.64 22.54
C VAL B 108 -50.89 -13.32 23.26
N LEU B 109 -49.72 -13.12 23.84
CA LEU B 109 -49.38 -11.89 24.55
C LEU B 109 -49.09 -10.76 23.55
N SER B 110 -50.13 -10.36 22.83
CA SER B 110 -50.00 -9.38 21.76
C SER B 110 -49.56 -8.01 22.25
N LYS B 111 -49.64 -7.74 23.56
CA LYS B 111 -49.16 -6.49 24.12
C LYS B 111 -47.64 -6.40 24.13
N LEU B 112 -46.95 -7.50 23.80
CA LEU B 112 -45.50 -7.55 23.92
C LEU B 112 -44.82 -6.73 22.83
N ARG B 113 -43.75 -6.03 23.21
CA ARG B 113 -42.91 -5.30 22.28
C ARG B 113 -41.44 -5.71 22.35
N LYS B 114 -40.91 -5.97 23.54
CA LYS B 114 -39.55 -6.46 23.71
C LYS B 114 -39.57 -7.95 24.04
N LEU B 115 -38.56 -8.67 23.55
CA LEU B 115 -38.46 -10.11 23.77
C LEU B 115 -36.99 -10.47 23.94
N SER B 116 -36.60 -10.82 25.16
CA SER B 116 -35.22 -11.21 25.45
C SER B 116 -35.21 -12.57 26.16
N VAL B 117 -34.38 -13.48 25.67
CA VAL B 117 -34.19 -14.80 26.26
C VAL B 117 -32.70 -15.11 26.17
N VAL B 118 -32.02 -15.19 27.31
CA VAL B 118 -30.56 -15.24 27.34
C VAL B 118 -30.10 -16.33 28.29
N LYS B 119 -28.99 -16.98 27.94
CA LYS B 119 -28.20 -17.85 28.80
C LYS B 119 -28.91 -19.13 29.19
N CYS B 120 -30.04 -19.47 28.56
CA CYS B 120 -30.68 -20.76 28.77
C CYS B 120 -29.74 -21.88 28.37
N PRO B 121 -29.28 -22.70 29.32
CA PRO B 121 -28.26 -23.70 28.99
C PRO B 121 -28.79 -24.96 28.31
N ASN B 122 -30.08 -25.29 28.47
CA ASN B 122 -30.56 -26.57 27.97
C ASN B 122 -31.90 -26.44 27.25
N LEU B 123 -32.17 -25.29 26.64
CA LEU B 123 -33.37 -25.15 25.83
C LEU B 123 -33.31 -26.12 24.65
N ARG B 124 -34.16 -27.15 24.66
CA ARG B 124 -34.09 -28.17 23.61
C ARG B 124 -34.89 -27.77 22.38
N GLU B 125 -36.04 -27.13 22.56
CA GLU B 125 -36.91 -26.83 21.43
C GLU B 125 -37.90 -25.75 21.86
N ILE B 126 -38.30 -24.93 20.89
CA ILE B 126 -39.38 -23.98 21.06
C ILE B 126 -40.44 -24.31 20.01
N SER B 127 -41.65 -24.64 20.48
CA SER B 127 -42.73 -25.07 19.60
C SER B 127 -43.60 -23.89 19.20
N GLY B 128 -44.45 -24.13 18.21
CA GLY B 128 -45.32 -23.09 17.71
C GLY B 128 -44.55 -22.07 16.89
N LYS B 129 -45.30 -21.12 16.35
CA LYS B 129 -44.76 -20.05 15.51
C LYS B 129 -44.55 -18.81 16.37
N LEU B 130 -43.29 -18.58 16.77
CA LEU B 130 -42.97 -17.36 17.49
C LEU B 130 -43.02 -16.16 16.55
N LEU B 131 -43.25 -14.99 17.14
CA LEU B 131 -43.28 -13.69 16.45
C LEU B 131 -44.53 -13.54 15.60
N VAL B 132 -45.34 -14.59 15.49
CA VAL B 132 -46.64 -14.47 14.83
C VAL B 132 -47.65 -13.89 15.81
N ASN B 133 -48.79 -13.45 15.27
CA ASN B 133 -49.92 -12.91 16.02
C ASN B 133 -49.57 -11.59 16.71
N ASN B 134 -48.34 -11.10 16.57
CA ASN B 134 -47.87 -9.93 17.30
C ASN B 134 -47.21 -8.98 16.31
N THR B 135 -47.89 -7.88 15.96
CA THR B 135 -47.33 -6.84 15.11
C THR B 135 -46.76 -5.69 15.92
N ARG B 136 -46.28 -5.97 17.13
CA ARG B 136 -45.71 -4.94 18.00
C ARG B 136 -44.33 -5.29 18.55
N ILE B 137 -43.89 -6.55 18.47
CA ILE B 137 -42.55 -6.89 18.90
C ILE B 137 -41.54 -6.15 18.02
N GLN B 138 -40.55 -5.54 18.66
CA GLN B 138 -39.51 -4.80 17.96
C GLN B 138 -38.17 -5.51 17.92
N ASN B 139 -37.85 -6.31 18.94
CA ASN B 139 -36.62 -7.07 18.97
C ASN B 139 -36.91 -8.48 19.46
N VAL B 140 -36.11 -9.43 18.97
CA VAL B 140 -36.12 -10.81 19.44
C VAL B 140 -34.66 -11.17 19.66
N ILE B 141 -34.23 -11.17 20.91
CA ILE B 141 -32.82 -11.30 21.26
C ILE B 141 -32.65 -12.64 21.97
N LEU B 142 -32.31 -13.68 21.21
CA LEU B 142 -32.03 -15.00 21.75
C LEU B 142 -30.54 -15.20 21.73
N LYS B 143 -29.91 -15.09 22.91
CA LYS B 143 -28.47 -15.12 23.04
C LYS B 143 -28.06 -16.37 23.84
N ASN B 144 -27.27 -17.23 23.20
CA ASN B 144 -26.71 -18.41 23.86
C ASN B 144 -27.78 -19.30 24.47
N ASN B 145 -28.90 -19.48 23.77
CA ASN B 145 -29.98 -20.31 24.28
C ASN B 145 -29.75 -21.81 24.09
N GLY B 146 -28.75 -22.19 23.29
CA GLY B 146 -28.48 -23.61 23.09
C GLY B 146 -29.60 -24.36 22.39
N LEU B 147 -30.44 -23.67 21.63
CA LEU B 147 -31.53 -24.33 20.94
C LEU B 147 -31.04 -25.43 20.02
N ALA B 148 -31.67 -26.60 20.11
CA ALA B 148 -31.34 -27.76 19.28
C ALA B 148 -32.15 -27.79 18.00
N THR B 149 -32.98 -26.79 17.75
CA THR B 149 -33.76 -26.64 16.54
C THR B 149 -34.31 -25.22 16.52
N MET B 150 -34.19 -24.55 15.38
CA MET B 150 -34.55 -23.14 15.33
C MET B 150 -36.07 -22.98 15.36
N PRO B 151 -36.57 -21.92 16.00
CA PRO B 151 -38.02 -21.71 16.05
C PRO B 151 -38.58 -21.40 14.67
N SER B 152 -39.84 -21.80 14.47
CA SER B 152 -40.55 -21.54 13.22
C SER B 152 -41.08 -20.11 13.24
N LEU B 153 -40.14 -19.17 13.23
CA LEU B 153 -40.48 -17.75 13.30
C LEU B 153 -41.25 -17.33 12.05
N ARG B 154 -42.31 -16.55 12.25
CA ARG B 154 -43.14 -16.08 11.16
C ARG B 154 -43.69 -14.70 11.49
N MET B 155 -43.85 -13.88 10.46
CA MET B 155 -44.56 -12.62 10.55
C MET B 155 -45.64 -12.60 9.48
N THR B 156 -46.86 -12.24 9.88
CA THR B 156 -48.01 -12.28 9.01
C THR B 156 -48.14 -10.98 8.22
N ASP B 157 -49.03 -11.00 7.22
CA ASP B 157 -49.24 -9.83 6.38
C ASP B 157 -49.67 -8.61 7.20
N ALA B 158 -50.38 -8.84 8.31
CA ALA B 158 -50.88 -7.76 9.13
C ALA B 158 -49.79 -7.01 9.88
N HIS B 159 -48.56 -7.53 9.91
CA HIS B 159 -47.48 -6.87 10.62
C HIS B 159 -47.12 -5.54 9.95
N HIS B 160 -46.81 -4.55 10.78
CA HIS B 160 -46.36 -3.26 10.26
C HIS B 160 -45.18 -2.65 11.00
N VAL B 161 -44.80 -3.17 12.16
CA VAL B 161 -43.67 -2.62 12.91
C VAL B 161 -42.37 -3.21 12.36
N LEU B 162 -41.40 -2.34 12.08
CA LEU B 162 -40.10 -2.77 11.59
C LEU B 162 -39.33 -3.44 12.73
N LEU B 163 -39.12 -4.74 12.62
CA LEU B 163 -38.33 -5.46 13.61
C LEU B 163 -36.90 -4.94 13.59
N ASP B 164 -36.48 -4.34 14.70
CA ASP B 164 -35.16 -3.72 14.75
C ASP B 164 -34.05 -4.75 14.62
N ARG B 165 -34.22 -5.91 15.26
CA ARG B 165 -33.19 -6.94 15.24
C ARG B 165 -33.73 -8.30 15.68
N ILE B 166 -33.47 -9.32 14.88
CA ILE B 166 -33.73 -10.71 15.25
C ILE B 166 -32.38 -11.40 15.39
N ASP B 167 -32.19 -12.11 16.49
CA ASP B 167 -30.86 -12.62 16.80
C ASP B 167 -30.96 -14.03 17.35
N LEU B 168 -30.12 -14.92 16.82
CA LEU B 168 -29.95 -16.27 17.32
C LEU B 168 -28.45 -16.47 17.48
N SER B 169 -27.96 -16.26 18.70
CA SER B 169 -26.54 -16.34 19.01
C SER B 169 -26.13 -17.80 19.11
N GLY B 170 -24.96 -18.05 19.72
CA GLY B 170 -24.47 -19.40 19.86
C GLY B 170 -25.53 -20.41 20.25
N ASN B 171 -25.82 -21.32 19.33
CA ASN B 171 -26.88 -22.29 19.47
C ASN B 171 -26.43 -23.63 18.90
N LYS B 172 -27.30 -24.62 18.99
CA LYS B 172 -27.08 -25.94 18.43
C LYS B 172 -27.97 -26.18 17.22
N ILE B 173 -28.10 -25.16 16.36
CA ILE B 173 -28.96 -25.25 15.20
C ILE B 173 -28.24 -26.05 14.12
N LYS B 174 -28.47 -27.37 14.11
CA LYS B 174 -27.79 -28.22 13.14
C LYS B 174 -28.44 -28.13 11.77
N PHE B 175 -29.75 -27.85 11.71
CA PHE B 175 -30.48 -27.80 10.46
C PHE B 175 -31.36 -26.58 10.44
N ILE B 176 -31.57 -26.04 9.24
CA ILE B 176 -32.58 -25.00 9.06
C ILE B 176 -33.89 -25.59 8.52
N SER B 177 -33.82 -26.73 7.84
CA SER B 177 -34.96 -27.40 7.22
C SER B 177 -35.58 -26.58 6.11
N ASP B 178 -36.42 -27.21 5.28
CA ASP B 178 -36.98 -26.56 4.12
C ASP B 178 -38.19 -25.70 4.48
N SER B 179 -38.27 -24.52 3.86
CA SER B 179 -39.39 -23.60 4.01
C SER B 179 -39.63 -23.24 5.47
N LYS B 180 -38.56 -23.13 6.24
CA LYS B 180 -38.67 -22.86 7.67
C LYS B 180 -39.28 -21.49 7.96
N VAL B 181 -38.58 -20.43 7.59
CA VAL B 181 -38.94 -19.07 7.99
C VAL B 181 -39.87 -18.48 6.93
N ARG B 182 -41.01 -17.96 7.38
CA ARG B 182 -42.03 -17.40 6.51
C ARG B 182 -42.11 -15.88 6.71
N ASN B 183 -41.57 -15.14 5.76
CA ASN B 183 -41.76 -13.69 5.62
C ASN B 183 -41.52 -12.95 6.94
N VAL B 184 -40.27 -12.99 7.40
CA VAL B 184 -39.84 -12.13 8.49
C VAL B 184 -39.37 -10.80 7.91
N LYS B 185 -39.66 -9.71 8.62
CA LYS B 185 -39.33 -8.36 8.15
C LYS B 185 -38.25 -7.71 8.99
N ALA B 186 -37.42 -8.50 9.65
CA ALA B 186 -36.38 -7.95 10.52
C ALA B 186 -35.26 -7.32 9.71
N ARG B 187 -34.67 -6.26 10.27
CA ARG B 187 -33.58 -5.58 9.56
C ARG B 187 -32.31 -6.41 9.55
N THR B 188 -31.95 -7.03 10.67
CA THR B 188 -30.73 -7.80 10.78
C THR B 188 -31.03 -9.18 11.33
N VAL B 189 -30.60 -10.21 10.62
CA VAL B 189 -30.75 -11.60 11.06
C VAL B 189 -29.36 -12.14 11.34
N VAL B 190 -29.12 -12.57 12.58
CA VAL B 190 -27.83 -13.08 13.00
C VAL B 190 -28.02 -14.53 13.44
N LEU B 191 -27.44 -15.45 12.68
CA LEU B 191 -27.41 -16.87 13.05
C LEU B 191 -25.99 -17.35 13.34
N SER B 192 -25.11 -16.43 13.71
CA SER B 192 -23.68 -16.74 13.81
C SER B 192 -23.40 -17.66 14.99
N GLU B 193 -22.17 -18.16 15.03
CA GLU B 193 -21.69 -19.10 16.04
C GLU B 193 -22.65 -20.27 16.19
N ASN B 194 -22.80 -21.02 15.09
CA ASN B 194 -23.79 -22.08 15.03
C ASN B 194 -23.16 -23.32 14.42
N LYS B 195 -23.77 -24.47 14.73
CA LYS B 195 -23.34 -25.76 14.22
C LYS B 195 -24.15 -26.19 12.99
N LEU B 196 -24.51 -25.23 12.14
CA LEU B 196 -25.27 -25.50 10.93
C LEU B 196 -24.56 -26.53 10.06
N ILE B 197 -25.22 -27.68 9.83
CA ILE B 197 -24.68 -28.71 8.97
C ILE B 197 -25.32 -28.72 7.60
N GLU B 198 -26.44 -28.02 7.41
CA GLU B 198 -27.17 -28.05 6.16
C GLU B 198 -28.23 -26.97 6.18
N ILE B 199 -28.48 -26.40 5.00
CA ILE B 199 -29.53 -25.40 4.82
C ILE B 199 -30.36 -25.86 3.63
N SER B 200 -31.51 -26.47 3.90
CA SER B 200 -32.41 -26.89 2.84
C SER B 200 -32.97 -25.67 2.12
N GLY B 201 -33.42 -25.88 0.89
CA GLY B 201 -33.89 -24.79 0.07
C GLY B 201 -35.08 -24.07 0.69
N TYR B 202 -35.31 -22.84 0.21
CA TYR B 202 -36.40 -21.99 0.66
C TYR B 202 -36.33 -21.68 2.15
N ALA B 203 -35.13 -21.72 2.73
CA ALA B 203 -34.98 -21.53 4.16
C ALA B 203 -35.49 -20.16 4.62
N PHE B 204 -35.40 -19.15 3.76
CA PHE B 204 -35.81 -17.80 4.08
C PHE B 204 -36.76 -17.26 3.01
N THR B 205 -37.76 -18.08 2.65
CA THR B 205 -38.65 -17.73 1.55
C THR B 205 -39.39 -16.43 1.82
N GLU B 206 -39.38 -15.54 0.82
CA GLU B 206 -40.19 -14.33 0.76
C GLU B 206 -39.93 -13.37 1.92
N SER B 207 -38.98 -13.70 2.78
CA SER B 207 -38.61 -12.79 3.85
C SER B 207 -37.86 -11.59 3.30
N GLN B 208 -38.01 -10.44 3.98
CA GLN B 208 -37.36 -9.19 3.59
C GLN B 208 -36.37 -8.83 4.69
N PHE B 209 -35.08 -8.91 4.38
CA PHE B 209 -34.01 -8.62 5.32
C PHE B 209 -33.14 -7.49 4.78
N LEU B 210 -32.52 -6.75 5.68
CA LEU B 210 -31.55 -5.74 5.26
C LEU B 210 -30.13 -6.30 5.26
N LYS B 211 -29.76 -7.04 6.30
CA LYS B 211 -28.43 -7.62 6.41
C LYS B 211 -28.53 -8.97 7.11
N LEU B 212 -27.94 -10.00 6.50
CA LEU B 212 -27.96 -11.36 7.03
C LEU B 212 -26.53 -11.81 7.31
N LYS B 213 -26.27 -12.22 8.55
CA LYS B 213 -24.96 -12.71 8.95
C LYS B 213 -25.06 -14.18 9.33
N LEU B 214 -24.23 -15.01 8.71
CA LEU B 214 -24.11 -16.43 9.04
C LEU B 214 -22.73 -16.82 9.52
N ASN B 215 -21.90 -15.85 9.91
CA ASN B 215 -20.48 -16.07 10.17
C ASN B 215 -20.23 -17.14 11.23
N ASN B 216 -19.02 -17.70 11.23
CA ASN B 216 -18.54 -18.60 12.27
C ASN B 216 -19.42 -19.84 12.42
N ASN B 217 -19.66 -20.51 11.29
CA ASN B 217 -20.34 -21.81 11.27
C ASN B 217 -19.53 -22.75 10.39
N PRO B 218 -18.44 -23.31 10.91
CA PRO B 218 -17.57 -24.15 10.07
C PRO B 218 -18.26 -25.32 9.41
N ASP B 219 -19.28 -25.89 10.04
CA ASP B 219 -19.88 -27.13 9.56
C ASP B 219 -20.76 -26.94 8.32
N LEU B 220 -21.04 -25.71 7.92
CA LEU B 220 -21.95 -25.47 6.79
C LEU B 220 -21.27 -25.85 5.50
N ARG B 221 -21.58 -27.04 4.98
CA ARG B 221 -20.95 -27.56 3.77
C ARG B 221 -21.94 -27.98 2.69
N SER B 222 -23.23 -27.72 2.86
CA SER B 222 -24.24 -28.22 1.93
C SER B 222 -25.25 -27.13 1.58
N LEU B 223 -24.78 -25.90 1.39
CA LEU B 223 -25.65 -24.78 1.04
C LEU B 223 -26.40 -25.09 -0.25
N SER B 224 -27.72 -25.14 -0.16
CA SER B 224 -28.54 -25.56 -1.29
C SER B 224 -28.53 -24.50 -2.39
N VAL B 225 -28.77 -24.97 -3.62
CA VAL B 225 -28.86 -24.05 -4.76
C VAL B 225 -30.07 -23.14 -4.65
N ASP B 226 -31.10 -23.55 -3.91
CA ASP B 226 -32.31 -22.76 -3.73
C ASP B 226 -32.50 -22.32 -2.28
N ALA B 227 -31.42 -22.28 -1.50
CA ALA B 227 -31.53 -21.88 -0.10
C ALA B 227 -32.07 -20.47 0.03
N PHE B 228 -31.49 -19.52 -0.70
CA PHE B 228 -31.92 -18.13 -0.67
C PHE B 228 -32.89 -17.79 -1.79
N LYS B 229 -33.56 -18.80 -2.35
CA LYS B 229 -34.47 -18.61 -3.47
C LYS B 229 -35.68 -17.77 -3.04
N ASN B 230 -36.14 -16.91 -3.95
CA ASN B 230 -37.40 -16.20 -3.93
C ASN B 230 -37.52 -15.19 -2.79
N MET B 231 -36.52 -15.06 -1.93
CA MET B 231 -36.62 -14.12 -0.82
C MET B 231 -36.66 -12.68 -1.33
N ALA B 232 -37.22 -11.79 -0.51
CA ALA B 232 -37.42 -10.41 -0.93
C ALA B 232 -36.11 -9.65 -1.08
N GLY B 233 -34.99 -10.21 -0.64
CA GLY B 233 -33.70 -9.61 -0.90
C GLY B 233 -32.90 -9.26 0.34
N LEU B 234 -31.59 -9.15 0.18
CA LEU B 234 -30.70 -8.75 1.25
C LEU B 234 -29.70 -7.75 0.69
N GLN B 235 -29.44 -6.69 1.45
CA GLN B 235 -28.41 -5.76 1.02
C GLN B 235 -27.02 -6.34 1.23
N THR B 236 -26.78 -6.97 2.37
CA THR B 236 -25.51 -7.62 2.65
C THR B 236 -25.73 -9.09 2.99
N LEU B 237 -24.82 -9.93 2.52
CA LEU B 237 -24.79 -11.35 2.85
C LEU B 237 -23.41 -11.71 3.36
N ASP B 238 -23.34 -12.30 4.55
CA ASP B 238 -22.09 -12.57 5.23
C ASP B 238 -21.95 -14.07 5.44
N LEU B 239 -20.93 -14.67 4.84
CA LEU B 239 -20.58 -16.06 5.07
C LEU B 239 -19.13 -16.18 5.54
N SER B 240 -18.68 -15.21 6.34
CA SER B 240 -17.31 -15.21 6.81
C SER B 240 -17.02 -16.46 7.63
N HIS B 241 -15.88 -17.07 7.35
CA HIS B 241 -15.40 -18.26 8.04
C HIS B 241 -16.32 -19.47 7.85
N THR B 242 -17.12 -19.49 6.78
CA THR B 242 -17.85 -20.69 6.42
C THR B 242 -16.92 -21.69 5.74
N SER B 243 -17.47 -22.85 5.43
CA SER B 243 -16.77 -23.88 4.66
C SER B 243 -17.65 -24.37 3.51
N ILE B 244 -18.41 -23.46 2.91
CA ILE B 244 -19.32 -23.83 1.84
C ILE B 244 -18.54 -24.35 0.62
N ASP B 245 -19.17 -25.27 -0.10
CA ASP B 245 -18.58 -25.84 -1.31
C ASP B 245 -19.00 -25.08 -2.57
N THR B 246 -20.10 -24.35 -2.53
CA THR B 246 -20.58 -23.62 -3.69
C THR B 246 -21.50 -22.50 -3.22
N LEU B 247 -21.91 -21.66 -4.16
CA LEU B 247 -22.80 -20.55 -3.87
C LEU B 247 -23.93 -20.54 -4.87
N PRO B 248 -25.19 -20.43 -4.43
CA PRO B 248 -26.30 -20.36 -5.37
C PRO B 248 -26.27 -19.07 -6.17
N ILE B 249 -26.76 -19.15 -7.40
CA ILE B 249 -26.83 -17.98 -8.27
C ILE B 249 -28.14 -17.22 -8.05
N ASN B 250 -29.22 -17.94 -7.76
CA ASN B 250 -30.51 -17.31 -7.59
C ASN B 250 -30.57 -16.51 -6.29
N GLY B 251 -31.41 -15.50 -6.28
CA GLY B 251 -31.59 -14.63 -5.11
C GLY B 251 -30.56 -13.56 -4.90
N LEU B 252 -29.27 -13.92 -4.93
CA LEU B 252 -28.20 -12.96 -4.70
C LEU B 252 -28.07 -11.93 -5.81
N LYS B 253 -28.94 -11.97 -6.83
CA LYS B 253 -28.89 -10.99 -7.91
C LYS B 253 -28.99 -9.57 -7.37
N LYS B 254 -29.91 -9.34 -6.43
CA LYS B 254 -30.10 -8.01 -5.86
C LYS B 254 -29.06 -7.67 -4.80
N LEU B 255 -28.24 -8.63 -4.39
CA LEU B 255 -27.31 -8.42 -3.29
C LEU B 255 -26.41 -7.21 -3.54
N LYS B 256 -26.23 -6.39 -2.51
CA LYS B 256 -25.37 -5.22 -2.59
C LYS B 256 -24.01 -5.40 -1.96
N THR B 257 -23.86 -6.38 -1.06
CA THR B 257 -22.60 -6.56 -0.34
C THR B 257 -22.44 -8.02 0.03
N LEU B 258 -21.29 -8.59 -0.31
CA LEU B 258 -20.98 -9.99 -0.03
C LEU B 258 -19.56 -10.06 0.52
N ILE B 259 -19.42 -10.40 1.79
CA ILE B 259 -18.11 -10.58 2.41
C ILE B 259 -17.91 -12.07 2.64
N LEU B 260 -16.94 -12.65 1.95
CA LEU B 260 -16.64 -14.07 2.02
C LEU B 260 -15.21 -14.27 2.52
N ASN B 261 -14.78 -13.46 3.48
CA ASN B 261 -13.44 -13.60 4.03
C ASN B 261 -13.23 -15.00 4.60
N ASP B 262 -12.08 -15.59 4.25
CA ASP B 262 -11.59 -16.82 4.85
C ASP B 262 -12.50 -18.03 4.59
N VAL B 263 -13.23 -18.05 3.49
CA VAL B 263 -13.88 -19.29 3.07
C VAL B 263 -12.90 -20.05 2.18
N PRO B 264 -12.34 -21.18 2.65
CA PRO B 264 -11.26 -21.82 1.90
C PRO B 264 -11.72 -22.69 0.73
N THR B 265 -13.01 -23.04 0.66
CA THR B 265 -13.46 -24.04 -0.30
C THR B 265 -14.20 -23.46 -1.49
N LEU B 266 -14.57 -22.18 -1.45
CA LEU B 266 -15.36 -21.59 -2.55
C LEU B 266 -14.41 -21.21 -3.69
N LYS B 267 -13.96 -22.25 -4.41
CA LYS B 267 -13.08 -22.09 -5.56
C LYS B 267 -13.84 -22.07 -6.88
N SER B 268 -15.14 -22.30 -6.86
CA SER B 268 -15.96 -22.37 -8.06
C SER B 268 -17.03 -21.27 -8.07
N LEU B 269 -16.66 -20.08 -7.63
CA LEU B 269 -17.57 -18.94 -7.59
C LEU B 269 -18.15 -18.69 -8.98
N PRO B 270 -19.47 -18.57 -9.10
CA PRO B 270 -20.06 -18.19 -10.39
C PRO B 270 -19.54 -16.84 -10.85
N SER B 271 -19.50 -16.65 -12.17
CA SER B 271 -18.93 -15.43 -12.74
C SER B 271 -19.65 -14.19 -12.22
N VAL B 272 -18.86 -13.12 -12.02
CA VAL B 272 -19.39 -11.88 -11.46
C VAL B 272 -20.54 -11.33 -12.30
N LEU B 273 -20.61 -11.69 -13.58
CA LEU B 273 -21.71 -11.25 -14.42
C LEU B 273 -23.06 -11.66 -13.84
N SER B 274 -23.11 -12.80 -13.14
CA SER B 274 -24.37 -13.28 -12.60
C SER B 274 -24.94 -12.30 -11.57
N PHE B 275 -24.08 -11.71 -10.75
CA PHE B 275 -24.52 -10.68 -9.83
C PHE B 275 -24.86 -9.40 -10.60
N THR B 276 -25.63 -8.51 -9.96
CA THR B 276 -26.09 -7.31 -10.64
C THR B 276 -25.95 -6.02 -9.84
N ASP B 277 -25.68 -6.07 -8.54
CA ASP B 277 -25.72 -4.86 -7.74
C ASP B 277 -24.64 -4.80 -6.66
N LEU B 278 -23.56 -5.57 -6.78
CA LEU B 278 -22.51 -5.53 -5.77
C LEU B 278 -21.92 -4.14 -5.66
N GLU B 279 -21.73 -3.68 -4.41
CA GLU B 279 -21.04 -2.43 -4.14
C GLU B 279 -19.76 -2.63 -3.35
N THR B 280 -19.62 -3.76 -2.66
CA THR B 280 -18.40 -4.10 -1.94
C THR B 280 -18.38 -5.61 -1.77
N ALA B 281 -17.22 -6.21 -1.98
CA ALA B 281 -17.08 -7.65 -1.88
C ALA B 281 -15.75 -8.00 -1.24
N HIS B 282 -15.73 -9.15 -0.58
CA HIS B 282 -14.52 -9.67 0.04
C HIS B 282 -14.33 -11.13 -0.36
N PHE B 283 -13.10 -11.48 -0.69
CA PHE B 283 -12.75 -12.86 -1.04
C PHE B 283 -11.42 -13.20 -0.39
N THR B 284 -11.16 -14.50 -0.28
CA THR B 284 -9.88 -14.96 0.26
C THR B 284 -8.83 -15.15 -0.82
N TYR B 285 -9.25 -15.45 -2.05
CA TYR B 285 -8.32 -15.61 -3.16
C TYR B 285 -8.36 -14.37 -4.04
N PRO B 286 -7.27 -13.63 -4.17
CA PRO B 286 -7.32 -12.38 -4.94
C PRO B 286 -7.72 -12.57 -6.39
N HIS B 287 -7.52 -13.77 -6.93
CA HIS B 287 -7.85 -14.03 -8.32
C HIS B 287 -9.34 -13.86 -8.60
N HIS B 288 -10.18 -13.96 -7.57
CA HIS B 288 -11.59 -13.61 -7.74
C HIS B 288 -11.75 -12.12 -8.06
N CYS B 289 -11.03 -11.26 -7.35
CA CYS B 289 -11.08 -9.83 -7.65
C CYS B 289 -10.47 -9.54 -9.01
N CYS B 290 -9.43 -10.27 -9.39
CA CYS B 290 -8.88 -10.10 -10.74
C CYS B 290 -9.89 -10.53 -11.80
N LEU B 291 -10.69 -11.57 -11.52
CA LEU B 291 -11.78 -11.92 -12.41
C LEU B 291 -12.82 -10.81 -12.47
N PHE B 292 -13.06 -10.15 -11.33
CA PHE B 292 -13.94 -8.99 -11.31
C PHE B 292 -13.45 -7.92 -12.28
N LYS B 293 -12.17 -7.57 -12.19
CA LYS B 293 -11.66 -6.48 -13.01
C LYS B 293 -11.43 -6.90 -14.45
N TYR B 294 -10.94 -8.12 -14.69
CA TYR B 294 -10.62 -8.57 -16.03
C TYR B 294 -11.80 -9.20 -16.75
N VAL B 295 -13.03 -9.01 -16.26
CA VAL B 295 -14.23 -9.56 -16.86
C VAL B 295 -14.42 -9.07 -18.29
N ASP B 296 -13.60 -8.09 -18.69
CA ASP B 296 -13.70 -7.36 -19.96
C ASP B 296 -14.03 -8.26 -21.15
N ASP B 297 -13.36 -9.41 -21.25
CA ASP B 297 -13.65 -10.35 -22.34
C ASP B 297 -14.70 -11.38 -21.98
N VAL B 298 -15.01 -11.55 -20.69
CA VAL B 298 -15.94 -12.60 -20.28
C VAL B 298 -17.39 -12.13 -20.37
N THR B 299 -17.63 -10.82 -20.30
CA THR B 299 -18.99 -10.30 -20.21
C THR B 299 -19.81 -10.67 -21.45
N MET B 300 -19.25 -10.47 -22.64
CA MET B 300 -19.99 -10.77 -23.86
C MET B 300 -20.09 -12.26 -24.14
N ASN B 301 -19.27 -13.09 -23.48
CA ASN B 301 -19.23 -14.51 -23.79
C ASN B 301 -20.50 -15.26 -23.39
N ASP B 302 -21.32 -14.69 -22.51
CA ASP B 302 -22.50 -15.39 -22.00
C ASP B 302 -23.48 -15.74 -23.11
N ASN B 303 -24.10 -14.73 -23.71
CA ASN B 303 -24.95 -14.84 -24.89
C ASN B 303 -26.17 -15.74 -24.69
N GLY B 304 -26.53 -16.05 -23.45
CA GLY B 304 -27.72 -16.83 -23.15
C GLY B 304 -28.92 -15.95 -22.85
N LYS B 305 -29.78 -16.44 -21.95
CA LYS B 305 -30.82 -15.57 -21.40
C LYS B 305 -30.19 -14.41 -20.62
N TYR B 306 -29.00 -14.64 -20.06
CA TYR B 306 -28.30 -13.55 -19.42
C TYR B 306 -27.81 -12.51 -20.41
N GLN B 307 -27.84 -12.77 -21.72
CA GLN B 307 -27.68 -11.70 -22.68
C GLN B 307 -28.83 -10.70 -22.55
N ARG B 308 -30.06 -11.20 -22.44
CA ARG B 308 -31.21 -10.33 -22.16
C ARG B 308 -31.06 -9.66 -20.81
N ASN B 309 -30.58 -10.40 -19.80
CA ASN B 309 -30.38 -9.80 -18.48
C ASN B 309 -29.35 -8.68 -18.54
N ALA B 310 -28.28 -8.88 -19.31
CA ALA B 310 -27.25 -7.85 -19.45
C ALA B 310 -27.78 -6.65 -20.21
N LYS B 311 -28.63 -6.88 -21.21
CA LYS B 311 -29.28 -5.77 -21.88
C LYS B 311 -30.13 -4.95 -20.90
N GLU B 312 -30.89 -5.64 -20.05
CA GLU B 312 -31.71 -4.95 -19.06
C GLU B 312 -30.86 -4.14 -18.09
N ILE B 313 -29.79 -4.74 -17.56
CA ILE B 313 -28.96 -4.02 -16.60
C ILE B 313 -28.21 -2.89 -17.27
N HIS B 314 -27.81 -3.05 -18.54
CA HIS B 314 -27.18 -1.96 -19.27
C HIS B 314 -28.14 -0.81 -19.46
N LYS B 315 -29.39 -1.11 -19.79
CA LYS B 315 -30.40 -0.05 -19.89
C LYS B 315 -30.57 0.67 -18.56
N ARG B 316 -30.61 -0.08 -17.47
CA ARG B 316 -30.73 0.54 -16.15
C ARG B 316 -29.53 1.45 -15.87
N ILE B 317 -28.33 0.97 -16.16
CA ILE B 317 -27.13 1.75 -15.89
C ILE B 317 -27.10 3.02 -16.73
N CYS B 318 -27.43 2.91 -18.02
CA CYS B 318 -27.40 4.08 -18.89
C CYS B 318 -28.48 5.08 -18.51
N ASP B 319 -29.63 4.61 -18.03
CA ASP B 319 -30.66 5.52 -17.54
C ASP B 319 -30.23 6.19 -16.23
N LYS B 320 -29.47 5.47 -15.40
CA LYS B 320 -29.06 6.02 -14.10
C LYS B 320 -28.17 7.24 -14.27
N ARG B 321 -27.21 7.18 -15.20
CA ARG B 321 -26.32 8.30 -15.44
C ARG B 321 -27.09 9.49 -16.03
N SER B 377 -19.76 2.28 -25.35
CA SER B 377 -20.15 0.92 -25.68
C SER B 377 -20.66 0.18 -24.45
N ILE B 378 -21.39 -0.91 -24.67
CA ILE B 378 -21.98 -1.67 -23.56
C ILE B 378 -20.88 -2.30 -22.70
N GLY B 379 -19.92 -2.97 -23.34
CA GLY B 379 -18.90 -3.67 -22.59
C GLY B 379 -18.02 -2.75 -21.76
N GLU B 380 -17.58 -1.64 -22.37
CA GLU B 380 -16.70 -0.72 -21.65
C GLU B 380 -17.41 -0.08 -20.46
N GLU B 381 -18.67 0.32 -20.64
CA GLU B 381 -19.43 0.90 -19.53
C GLU B 381 -19.67 -0.12 -18.42
N VAL B 382 -20.01 -1.36 -18.81
CA VAL B 382 -20.24 -2.41 -17.81
C VAL B 382 -18.96 -2.70 -17.04
N GLN B 383 -17.82 -2.72 -17.73
CA GLN B 383 -16.55 -2.96 -17.06
C GLN B 383 -16.13 -1.80 -16.17
N LYS B 384 -16.43 -0.56 -16.58
CA LYS B 384 -16.20 0.58 -15.69
C LYS B 384 -17.04 0.47 -14.43
N TYR B 385 -18.31 0.08 -14.59
CA TYR B 385 -19.17 -0.13 -13.44
C TYR B 385 -18.61 -1.20 -12.51
N TYR B 386 -18.14 -2.31 -13.08
CA TYR B 386 -17.56 -3.37 -12.26
C TYR B 386 -16.28 -2.90 -11.57
N SER B 387 -15.44 -2.13 -12.28
CA SER B 387 -14.24 -1.58 -11.67
C SER B 387 -14.59 -0.64 -10.54
N ASN B 388 -15.76 -0.02 -10.59
CA ASN B 388 -16.24 0.76 -9.44
C ASN B 388 -16.58 -0.14 -8.25
N ILE B 389 -16.76 -1.45 -8.48
CA ILE B 389 -17.06 -2.39 -7.40
C ILE B 389 -15.72 -2.86 -6.84
N THR B 390 -15.20 -2.12 -5.87
CA THR B 390 -13.89 -2.42 -5.32
C THR B 390 -13.95 -3.67 -4.44
N CYS B 391 -12.89 -4.47 -4.50
CA CYS B 391 -12.71 -5.60 -3.60
C CYS B 391 -11.44 -5.42 -2.80
N TYR B 392 -11.52 -5.71 -1.49
CA TYR B 392 -10.36 -5.56 -0.62
C TYR B 392 -9.16 -6.38 -1.07
N PRO B 393 -9.30 -7.67 -1.43
CA PRO B 393 -8.09 -8.39 -1.88
C PRO B 393 -7.66 -8.03 -3.31
N GLN B 394 -7.04 -6.85 -3.43
CA GLN B 394 -6.50 -6.42 -4.71
C GLN B 394 -5.34 -7.33 -5.12
N PRO B 395 -5.10 -7.49 -6.41
CA PRO B 395 -3.98 -8.34 -6.85
C PRO B 395 -2.64 -7.77 -6.40
N ASP B 396 -1.67 -8.68 -6.28
CA ASP B 396 -0.37 -8.35 -5.72
C ASP B 396 0.72 -8.95 -6.59
N ALA B 397 1.96 -8.54 -6.33
CA ALA B 397 3.10 -9.03 -7.09
C ALA B 397 3.38 -10.51 -6.85
N LEU B 398 2.89 -11.07 -5.74
CA LEU B 398 3.12 -12.48 -5.46
C LEU B 398 2.33 -13.39 -6.40
N ASN B 399 1.27 -12.88 -7.01
CA ASN B 399 0.46 -13.65 -7.96
C ASN B 399 -0.07 -12.71 -9.05
N PRO B 400 0.83 -12.25 -9.92
CA PRO B 400 0.37 -11.33 -10.99
C PRO B 400 -0.65 -12.01 -11.88
N CYS B 401 -1.66 -11.24 -12.27
CA CYS B 401 -2.70 -11.78 -13.13
C CYS B 401 -2.29 -11.71 -14.59
N GLU B 402 -2.97 -12.52 -15.40
CA GLU B 402 -2.79 -12.63 -16.86
C GLU B 402 -1.51 -13.34 -17.26
N ASN B 403 -0.62 -13.63 -16.31
CA ASN B 403 0.66 -14.23 -16.66
C ASN B 403 1.39 -14.66 -15.40
N ILE B 404 2.24 -15.68 -15.54
CA ILE B 404 3.18 -16.01 -14.48
C ILE B 404 4.48 -15.24 -14.69
N VAL B 405 4.97 -15.18 -15.92
CA VAL B 405 6.22 -14.48 -16.21
C VAL B 405 6.04 -12.96 -16.09
N GLY B 406 4.87 -12.45 -16.46
CA GLY B 406 4.63 -11.02 -16.41
C GLY B 406 5.14 -10.28 -17.63
N TYR B 407 6.29 -10.69 -18.15
CA TYR B 407 6.92 -10.01 -19.26
C TYR B 407 7.28 -11.01 -20.36
N PRO B 408 7.18 -10.61 -21.63
CA PRO B 408 7.49 -11.55 -22.71
C PRO B 408 8.98 -11.78 -22.87
N PHE B 409 9.78 -10.72 -22.69
CA PHE B 409 11.23 -10.88 -22.72
C PHE B 409 11.70 -11.77 -21.59
N LEU B 410 11.13 -11.60 -20.39
CA LEU B 410 11.44 -12.50 -19.30
C LEU B 410 10.98 -13.93 -19.60
N ARG B 411 9.88 -14.07 -20.35
CA ARG B 411 9.43 -15.39 -20.75
C ARG B 411 10.43 -16.07 -21.67
N ILE B 412 10.95 -15.34 -22.65
CA ILE B 412 11.95 -15.95 -23.52
C ILE B 412 13.24 -16.20 -22.74
N ALA B 413 13.53 -15.38 -21.72
CA ALA B 413 14.71 -15.61 -20.89
C ALA B 413 14.60 -16.91 -20.09
N VAL B 414 13.44 -17.13 -19.45
CA VAL B 414 13.26 -18.38 -18.72
C VAL B 414 13.22 -19.56 -19.69
N TRP B 415 12.65 -19.37 -20.87
CA TRP B 415 12.66 -20.43 -21.87
C TRP B 415 14.09 -20.78 -22.27
N VAL B 416 14.94 -19.78 -22.49
CA VAL B 416 16.31 -20.07 -22.90
C VAL B 416 17.11 -20.68 -21.76
N VAL B 417 16.84 -20.29 -20.51
CA VAL B 417 17.58 -20.90 -19.41
C VAL B 417 17.15 -22.35 -19.20
N CYS B 418 15.86 -22.64 -19.37
CA CYS B 418 15.43 -24.03 -19.24
C CYS B 418 15.94 -24.89 -20.41
N LEU B 419 15.96 -24.32 -21.62
CA LEU B 419 16.54 -25.01 -22.75
C LEU B 419 18.02 -25.28 -22.53
N ALA B 420 18.75 -24.30 -21.98
CA ALA B 420 20.14 -24.51 -21.66
C ALA B 420 20.30 -25.62 -20.63
N ALA B 421 19.42 -25.65 -19.64
CA ALA B 421 19.47 -26.70 -18.63
C ALA B 421 19.31 -28.08 -19.27
N ILE B 422 18.30 -28.25 -20.12
CA ILE B 422 18.04 -29.57 -20.67
C ILE B 422 19.12 -30.00 -21.67
N VAL B 423 19.58 -29.06 -22.51
CA VAL B 423 20.64 -29.38 -23.46
C VAL B 423 21.93 -29.73 -22.72
N GLY B 424 22.25 -28.95 -21.68
CA GLY B 424 23.39 -29.29 -20.85
C GLY B 424 23.24 -30.63 -20.17
N ASN B 425 22.02 -31.00 -19.78
CA ASN B 425 21.79 -32.31 -19.19
C ASN B 425 22.07 -33.42 -20.18
N ILE B 426 21.64 -33.26 -21.44
CA ILE B 426 21.95 -34.24 -22.47
C ILE B 426 23.46 -34.35 -22.69
N ILE B 427 24.12 -33.19 -22.77
CA ILE B 427 25.57 -33.17 -22.96
C ILE B 427 26.27 -33.85 -21.80
N VAL B 428 25.78 -33.63 -20.58
CA VAL B 428 26.35 -34.25 -19.39
C VAL B 428 26.11 -35.75 -19.41
N TRP B 429 24.96 -36.19 -19.91
CA TRP B 429 24.73 -37.63 -20.08
C TRP B 429 25.82 -38.22 -20.98
N ALA B 430 26.09 -37.56 -22.10
CA ALA B 430 27.14 -38.05 -23.00
C ALA B 430 28.51 -38.03 -22.32
N LEU B 431 28.81 -36.96 -21.59
CA LEU B 431 30.11 -36.84 -20.94
C LEU B 431 30.29 -37.91 -19.87
N LEU B 432 29.25 -38.18 -19.07
CA LEU B 432 29.32 -39.25 -18.08
C LEU B 432 29.47 -40.60 -18.77
N GLY B 433 28.79 -40.80 -19.90
CA GLY B 433 28.95 -42.04 -20.64
C GLY B 433 30.39 -42.26 -21.11
N ILE B 434 31.04 -41.20 -21.57
CA ILE B 434 32.38 -41.37 -22.13
C ILE B 434 33.45 -41.45 -21.03
N VAL B 435 33.34 -40.63 -19.97
CA VAL B 435 34.42 -40.53 -18.99
C VAL B 435 34.27 -41.46 -17.80
N TYR B 436 33.14 -42.17 -17.66
CA TYR B 436 32.87 -42.97 -16.47
C TYR B 436 33.98 -43.99 -16.22
N GLU B 437 34.52 -43.97 -15.00
CA GLU B 437 35.53 -44.95 -14.61
C GLU B 437 34.90 -46.32 -14.41
N LYS B 438 35.61 -47.36 -14.87
CA LYS B 438 35.07 -48.71 -14.80
C LYS B 438 34.92 -49.18 -13.36
N ARG B 439 35.90 -48.89 -12.51
CA ARG B 439 35.84 -49.32 -11.12
C ARG B 439 34.75 -48.56 -10.36
N MET B 440 34.19 -49.23 -9.36
CA MET B 440 33.16 -48.60 -8.54
C MET B 440 33.72 -47.41 -7.77
N ARG B 441 32.97 -46.32 -7.75
CA ARG B 441 33.40 -45.08 -7.13
C ARG B 441 32.21 -44.38 -6.50
N MET B 442 32.22 -44.23 -5.17
CA MET B 442 31.18 -43.46 -4.50
C MET B 442 31.24 -41.99 -4.88
N HIS B 443 32.43 -41.49 -5.24
CA HIS B 443 32.54 -40.13 -5.75
C HIS B 443 31.72 -39.95 -7.03
N TYR B 444 31.77 -40.93 -7.92
CA TYR B 444 30.93 -40.87 -9.11
C TYR B 444 29.46 -40.90 -8.76
N LEU B 445 29.09 -41.62 -7.69
CA LEU B 445 27.70 -41.59 -7.24
C LEU B 445 27.30 -40.21 -6.75
N TYR B 446 28.19 -39.53 -6.01
CA TYR B 446 27.89 -38.18 -5.56
C TYR B 446 27.74 -37.23 -6.74
N MET B 447 28.63 -37.35 -7.72
CA MET B 447 28.50 -36.53 -8.92
C MET B 447 27.20 -36.83 -9.66
N ILE B 448 26.81 -38.10 -9.70
CA ILE B 448 25.58 -38.48 -10.39
C ILE B 448 24.37 -37.86 -9.70
N ASN B 449 24.35 -37.90 -8.37
CA ASN B 449 23.19 -37.33 -7.68
C ASN B 449 23.16 -35.82 -7.79
N MET B 450 24.32 -35.16 -7.84
CA MET B 450 24.33 -33.73 -8.11
C MET B 450 23.79 -33.44 -9.51
N SER B 451 24.17 -34.25 -10.49
CA SER B 451 23.62 -34.08 -11.84
C SER B 451 22.13 -34.31 -11.87
N VAL B 452 21.64 -35.26 -11.08
CA VAL B 452 20.19 -35.50 -10.97
C VAL B 452 19.50 -34.28 -10.37
N ALA B 453 20.12 -33.68 -9.35
CA ALA B 453 19.58 -32.45 -8.77
C ALA B 453 19.50 -31.34 -9.82
N ASP B 454 20.55 -31.19 -10.62
CA ASP B 454 20.51 -30.23 -11.72
C ASP B 454 19.39 -30.55 -12.70
N MET B 455 19.21 -31.84 -13.01
CA MET B 455 18.16 -32.24 -13.94
C MET B 455 16.78 -31.91 -13.39
N VAL B 456 16.55 -32.12 -12.10
CA VAL B 456 15.23 -31.82 -11.56
C VAL B 456 15.02 -30.31 -11.43
N THR B 457 16.08 -29.54 -11.19
CA THR B 457 15.95 -28.09 -11.32
C THR B 457 15.49 -27.73 -12.73
N GLY B 458 16.09 -28.38 -13.73
CA GLY B 458 15.67 -28.15 -15.10
C GLY B 458 14.22 -28.51 -15.35
N ILE B 459 13.77 -29.64 -14.82
CA ILE B 459 12.40 -30.07 -15.09
C ILE B 459 11.40 -29.16 -14.36
N TYR B 460 11.75 -28.68 -13.17
CA TYR B 460 10.91 -27.68 -12.50
C TYR B 460 10.82 -26.41 -13.33
N LEU B 461 11.96 -25.94 -13.83
CA LEU B 461 11.98 -24.81 -14.74
C LEU B 461 11.07 -25.05 -15.93
N ALA B 462 11.16 -26.25 -16.52
CA ALA B 462 10.38 -26.57 -17.72
C ALA B 462 8.89 -26.59 -17.42
N VAL B 463 8.49 -27.17 -16.30
CA VAL B 463 7.07 -27.25 -16.00
C VAL B 463 6.51 -25.86 -15.70
N LEU B 464 7.28 -25.02 -15.01
CA LEU B 464 6.83 -23.64 -14.83
C LEU B 464 6.69 -22.93 -16.16
N ALA B 465 7.67 -23.09 -17.05
CA ALA B 465 7.63 -22.43 -18.34
C ALA B 465 6.44 -22.88 -19.17
N ILE B 466 6.19 -24.19 -19.22
CA ILE B 466 5.08 -24.69 -20.02
C ILE B 466 3.75 -24.32 -19.38
N ALA B 467 3.69 -24.25 -18.04
CA ALA B 467 2.47 -23.79 -17.38
C ALA B 467 2.15 -22.36 -17.77
N ASP B 468 3.17 -21.50 -17.77
CA ASP B 468 2.95 -20.14 -18.26
C ASP B 468 2.53 -20.15 -19.72
N ALA B 469 3.16 -20.99 -20.53
CA ALA B 469 2.80 -21.07 -21.95
C ALA B 469 1.38 -21.59 -22.13
N LYS B 470 0.99 -22.60 -21.36
CA LYS B 470 -0.36 -23.14 -21.49
C LYS B 470 -1.41 -22.10 -21.14
N MET B 471 -1.12 -21.25 -20.15
CA MET B 471 -2.06 -20.25 -19.67
C MET B 471 -1.68 -18.84 -20.11
N SER B 472 -1.08 -18.72 -21.29
CA SER B 472 -0.70 -17.42 -21.82
C SER B 472 -1.90 -16.49 -21.87
N ASP B 473 -1.80 -15.36 -21.18
CA ASP B 473 -2.83 -14.34 -21.07
C ASP B 473 -4.09 -14.82 -20.37
N GLU B 474 -4.12 -16.08 -19.91
CA GLU B 474 -5.33 -16.68 -19.35
C GLU B 474 -5.35 -16.71 -17.83
N TYR B 475 -4.33 -16.17 -17.16
CA TYR B 475 -4.12 -16.45 -15.74
C TYR B 475 -5.00 -15.55 -14.85
N TYR B 476 -6.29 -15.56 -15.16
CA TYR B 476 -7.32 -15.24 -14.17
C TYR B 476 -8.46 -16.23 -14.15
N ARG B 477 -8.75 -16.89 -15.28
CA ARG B 477 -9.55 -18.11 -15.26
C ARG B 477 -8.69 -19.28 -14.85
N HIS B 478 -9.29 -20.22 -14.11
CA HIS B 478 -8.68 -21.46 -13.64
C HIS B 478 -7.35 -21.25 -12.93
N ALA B 479 -7.10 -20.03 -12.46
CA ALA B 479 -5.88 -19.75 -11.70
C ALA B 479 -5.86 -20.53 -10.40
N VAL B 480 -7.00 -20.65 -9.73
CA VAL B 480 -7.05 -21.21 -8.39
C VAL B 480 -6.65 -22.68 -8.40
N TRP B 481 -7.11 -23.43 -9.40
CA TRP B 481 -6.86 -24.87 -9.43
C TRP B 481 -5.38 -25.18 -9.52
N TRP B 482 -4.61 -24.35 -10.23
CA TRP B 482 -3.18 -24.58 -10.33
C TRP B 482 -2.48 -24.32 -8.99
N GLN B 483 -2.86 -23.23 -8.32
CA GLN B 483 -2.20 -22.87 -7.06
C GLN B 483 -2.52 -23.88 -5.96
N THR B 484 -3.79 -24.26 -5.83
CA THR B 484 -4.15 -25.12 -4.71
C THR B 484 -4.26 -26.61 -5.07
N GLY B 485 -4.68 -26.94 -6.29
CA GLY B 485 -5.08 -28.33 -6.52
C GLY B 485 -3.95 -29.33 -6.52
N TRP B 486 -3.16 -29.38 -7.59
CA TRP B 486 -1.91 -30.14 -7.54
C TRP B 486 -0.74 -29.51 -8.28
N GLY B 487 -0.98 -28.61 -9.25
CA GLY B 487 0.12 -28.11 -10.06
C GLY B 487 1.18 -27.40 -9.24
N CYS B 488 0.77 -26.40 -8.47
CA CYS B 488 1.74 -25.69 -7.64
C CYS B 488 2.31 -26.58 -6.55
N ARG B 489 1.51 -27.51 -6.03
CA ARG B 489 2.01 -28.41 -4.99
C ARG B 489 3.19 -29.23 -5.50
N ALA B 490 3.01 -29.88 -6.66
CA ALA B 490 4.10 -30.68 -7.22
C ALA B 490 5.25 -29.82 -7.69
N ALA B 491 4.96 -28.66 -8.29
CA ALA B 491 6.03 -27.80 -8.76
C ALA B 491 6.90 -27.30 -7.62
N GLY B 492 6.29 -26.85 -6.53
CA GLY B 492 7.07 -26.45 -5.37
C GLY B 492 7.81 -27.61 -4.74
N PHE B 493 7.18 -28.78 -4.71
CA PHE B 493 7.87 -29.98 -4.26
C PHE B 493 9.17 -30.17 -5.04
N LEU B 494 9.08 -30.14 -6.37
CA LEU B 494 10.24 -30.33 -7.20
C LEU B 494 11.28 -29.24 -6.95
N ALA B 495 10.85 -27.99 -6.89
CA ALA B 495 11.80 -26.89 -6.73
C ALA B 495 12.58 -27.00 -5.44
N VAL B 496 11.89 -27.15 -4.32
CA VAL B 496 12.59 -27.20 -3.03
C VAL B 496 13.38 -28.49 -2.90
N PHE B 497 12.86 -29.61 -3.40
CA PHE B 497 13.60 -30.86 -3.36
C PHE B 497 14.90 -30.75 -4.15
N ALA B 498 14.82 -30.15 -5.34
CA ALA B 498 16.00 -29.96 -6.16
C ALA B 498 17.02 -29.09 -5.46
N SER B 499 16.58 -27.95 -4.92
CA SER B 499 17.51 -27.05 -4.25
C SER B 499 18.17 -27.72 -3.05
N GLU B 500 17.38 -28.40 -2.22
CA GLU B 500 17.93 -29.00 -1.01
C GLU B 500 18.83 -30.18 -1.34
N LEU B 501 18.47 -30.97 -2.35
CA LEU B 501 19.35 -32.06 -2.77
C LEU B 501 20.67 -31.53 -3.32
N GLY B 502 20.61 -30.47 -4.12
CA GLY B 502 21.84 -29.88 -4.61
C GLY B 502 22.72 -29.36 -3.48
N ILE B 503 22.12 -28.68 -2.51
CA ILE B 503 22.89 -28.16 -1.39
C ILE B 503 23.50 -29.30 -0.58
N ILE B 504 22.71 -30.35 -0.31
CA ILE B 504 23.20 -31.42 0.55
C ILE B 504 24.29 -32.22 -0.16
N SER B 505 24.18 -32.41 -1.48
CA SER B 505 25.27 -33.04 -2.23
C SER B 505 26.50 -32.15 -2.27
N MET B 506 26.29 -30.83 -2.37
CA MET B 506 27.41 -29.89 -2.32
C MET B 506 28.14 -29.96 -0.98
N PHE B 507 27.40 -30.23 0.09
CA PHE B 507 28.03 -30.44 1.39
C PHE B 507 28.76 -31.77 1.44
N LEU B 508 28.11 -32.83 0.93
CA LEU B 508 28.68 -34.17 1.02
C LEU B 508 29.97 -34.29 0.23
N ILE B 509 30.08 -33.64 -0.92
CA ILE B 509 31.30 -33.76 -1.70
C ILE B 509 32.48 -33.16 -0.96
N ALA B 510 32.27 -31.99 -0.34
CA ALA B 510 33.33 -31.39 0.47
C ALA B 510 33.64 -32.24 1.70
N PHE B 511 32.61 -32.84 2.30
CA PHE B 511 32.85 -33.73 3.45
C PHE B 511 33.72 -34.91 3.04
N GLU B 512 33.43 -35.50 1.88
CA GLU B 512 34.25 -36.59 1.36
C GLU B 512 35.67 -36.11 1.12
N MET B 513 35.83 -34.93 0.52
CA MET B 513 37.17 -34.41 0.26
C MET B 513 37.95 -34.22 1.54
N SER B 514 37.32 -33.66 2.57
CA SER B 514 38.01 -33.41 3.83
C SER B 514 38.35 -34.71 4.54
N TYR B 515 37.39 -35.64 4.61
CA TYR B 515 37.65 -36.90 5.30
C TYR B 515 38.72 -37.72 4.59
N ASN B 516 38.67 -37.80 3.26
CA ASN B 516 39.68 -38.54 2.53
C ASN B 516 41.05 -37.86 2.63
N THR B 517 41.09 -36.53 2.57
CA THR B 517 42.36 -35.84 2.64
C THR B 517 43.05 -36.07 3.98
N ARG B 518 42.30 -35.95 5.08
CA ARG B 518 42.89 -36.08 6.40
C ARG B 518 43.27 -37.53 6.71
N GLN B 519 42.36 -38.47 6.41
CA GLN B 519 42.57 -39.85 6.83
C GLN B 519 43.62 -40.54 5.95
N SER B 520 43.67 -40.21 4.66
CA SER B 520 44.62 -40.89 3.77
C SER B 520 46.06 -40.60 4.17
N PHE B 521 46.34 -39.37 4.57
CA PHE B 521 47.69 -39.05 5.05
C PHE B 521 48.02 -39.84 6.31
N ARG B 522 47.03 -40.00 7.20
CA ARG B 522 47.22 -40.85 8.38
C ARG B 522 47.22 -42.33 8.00
N GLY B 523 46.48 -42.70 6.96
CA GLY B 523 46.46 -44.08 6.50
C GLY B 523 45.12 -44.77 6.67
N ARG B 524 44.03 -44.02 6.60
CA ARG B 524 42.69 -44.57 6.74
C ARG B 524 41.78 -43.99 5.66
N ARG B 525 40.56 -44.52 5.57
CA ARG B 525 39.61 -44.10 4.56
C ARG B 525 38.20 -44.26 5.10
N LEU B 526 37.30 -43.40 4.64
CA LEU B 526 35.90 -43.48 5.03
C LEU B 526 35.26 -44.75 4.49
N SER B 527 34.36 -45.33 5.29
CA SER B 527 33.68 -46.55 4.89
C SER B 527 32.76 -46.28 3.70
N PRO B 528 32.89 -47.03 2.60
CA PRO B 528 31.97 -46.82 1.46
C PRO B 528 30.51 -47.07 1.81
N LYS B 529 30.24 -48.05 2.65
CA LYS B 529 28.86 -48.29 3.08
C LYS B 529 28.31 -47.10 3.85
N VAL B 530 29.13 -46.52 4.72
CA VAL B 530 28.71 -45.32 5.46
C VAL B 530 28.44 -44.17 4.50
N GLY B 531 29.31 -44.00 3.49
CA GLY B 531 29.09 -42.94 2.52
C GLY B 531 27.79 -43.11 1.76
N VAL B 532 27.52 -44.32 1.28
CA VAL B 532 26.29 -44.57 0.54
C VAL B 532 25.08 -44.36 1.42
N LEU B 533 25.14 -44.85 2.67
CA LEU B 533 24.01 -44.68 3.58
C LEU B 533 23.78 -43.21 3.90
N LEU B 534 24.85 -42.43 4.05
CA LEU B 534 24.70 -41.00 4.32
C LEU B 534 24.15 -40.25 3.11
N MET B 535 24.56 -40.65 1.91
CA MET B 535 23.99 -40.05 0.70
C MET B 535 22.50 -40.33 0.60
N ILE B 536 22.09 -41.57 0.92
CA ILE B 536 20.68 -41.90 0.91
C ILE B 536 19.95 -41.13 2.00
N GLY B 537 20.58 -40.96 3.17
CA GLY B 537 19.97 -40.18 4.23
C GLY B 537 19.78 -38.73 3.86
N GLY B 538 20.75 -38.15 3.16
CA GLY B 538 20.59 -36.79 2.68
C GLY B 538 19.51 -36.68 1.62
N TRP B 539 19.40 -37.69 0.75
CA TRP B 539 18.31 -37.70 -0.21
C TRP B 539 16.97 -37.73 0.51
N LEU B 540 16.86 -38.54 1.56
CA LEU B 540 15.62 -38.58 2.34
C LEU B 540 15.38 -37.27 3.08
N PHE B 541 16.44 -36.59 3.53
CA PHE B 541 16.27 -35.29 4.17
C PHE B 541 15.69 -34.28 3.19
N ALA B 542 16.21 -34.27 1.95
CA ALA B 542 15.64 -33.40 0.93
C ALA B 542 14.18 -33.76 0.65
N ILE B 543 13.88 -35.06 0.58
CA ILE B 543 12.52 -35.50 0.28
C ILE B 543 11.56 -35.05 1.39
N ILE B 544 11.95 -35.25 2.65
CA ILE B 544 11.06 -34.90 3.75
C ILE B 544 10.90 -33.39 3.86
N MET B 545 11.97 -32.63 3.57
CA MET B 545 11.82 -31.18 3.53
C MET B 545 10.88 -30.74 2.42
N ALA B 546 10.89 -31.44 1.29
CA ALA B 546 10.03 -31.06 0.17
C ALA B 546 8.58 -31.43 0.42
N ILE B 547 8.33 -32.59 1.04
CA ILE B 547 6.96 -33.08 1.20
C ILE B 547 6.21 -32.27 2.25
N LEU B 548 6.89 -31.79 3.29
CA LEU B 548 6.23 -31.12 4.41
C LEU B 548 5.29 -30.00 4.00
N PRO B 549 5.66 -29.07 3.11
CA PRO B 549 4.73 -27.99 2.74
C PRO B 549 3.46 -28.47 2.04
N TRP B 550 3.39 -29.73 1.60
CA TRP B 550 2.10 -30.26 1.15
C TRP B 550 1.05 -30.09 2.24
N PHE B 551 1.43 -30.34 3.48
CA PHE B 551 0.56 -30.12 4.63
C PHE B 551 0.51 -28.63 4.97
N ASP B 552 -0.12 -28.31 6.09
CA ASP B 552 -0.33 -26.92 6.49
C ASP B 552 0.84 -26.33 7.27
N VAL B 553 2.01 -26.97 7.28
CA VAL B 553 3.16 -26.36 7.94
C VAL B 553 3.61 -25.11 7.17
N SER B 554 3.44 -25.11 5.86
CA SER B 554 3.69 -23.94 5.02
C SER B 554 2.69 -24.01 3.87
N SER B 555 2.94 -23.25 2.81
CA SER B 555 2.01 -23.28 1.68
C SER B 555 2.72 -23.00 0.37
N TYR B 556 2.47 -23.87 -0.61
CA TYR B 556 2.79 -23.56 -2.00
C TYR B 556 1.71 -22.71 -2.67
N SER B 557 0.55 -22.59 -2.03
CA SER B 557 -0.63 -22.07 -2.72
C SER B 557 -0.57 -20.57 -2.96
N GLU B 558 0.25 -19.82 -2.21
CA GLU B 558 0.19 -18.37 -2.22
C GLU B 558 1.15 -17.74 -3.22
N SER B 559 1.46 -18.44 -4.31
CA SER B 559 2.28 -17.83 -5.36
C SER B 559 2.06 -18.58 -6.65
N SER B 560 1.97 -17.83 -7.76
CA SER B 560 1.91 -18.46 -9.06
C SER B 560 3.21 -19.17 -9.39
N VAL B 561 4.33 -18.72 -8.83
CA VAL B 561 5.60 -19.39 -9.00
C VAL B 561 5.69 -20.67 -8.17
N CYS B 562 4.71 -20.91 -7.30
CA CYS B 562 4.55 -22.13 -6.51
C CYS B 562 5.63 -22.31 -5.45
N LEU B 563 6.46 -21.31 -5.21
CA LEU B 563 7.45 -21.45 -4.16
C LEU B 563 6.80 -21.28 -2.79
N PRO B 564 7.42 -21.83 -1.74
CA PRO B 564 6.85 -21.72 -0.38
C PRO B 564 7.08 -20.34 0.24
N LEU B 565 6.15 -19.44 -0.05
CA LEU B 565 6.28 -18.03 0.33
C LEU B 565 5.57 -17.67 1.63
N ARG B 566 4.56 -18.42 2.03
CA ARG B 566 3.79 -18.06 3.23
C ARG B 566 4.65 -18.18 4.49
N ALA B 567 4.47 -17.22 5.40
CA ALA B 567 5.16 -17.23 6.68
C ALA B 567 4.26 -16.74 7.81
N ALA B 568 2.96 -17.01 7.73
CA ALA B 568 1.98 -16.41 8.64
C ALA B 568 1.88 -17.15 9.97
N THR B 569 1.69 -18.47 9.91
CA THR B 569 1.52 -19.27 11.12
C THR B 569 2.82 -19.31 11.91
N ILE B 570 2.69 -19.67 13.20
CA ILE B 570 3.86 -19.71 14.08
C ILE B 570 4.86 -20.76 13.61
N PHE B 571 4.36 -21.93 13.19
CA PHE B 571 5.26 -22.98 12.71
C PHE B 571 5.84 -22.65 11.35
N ASP B 572 5.12 -21.89 10.53
CA ASP B 572 5.59 -21.56 9.19
C ASP B 572 6.86 -20.73 9.23
N LYS B 573 6.90 -19.74 10.13
CA LYS B 573 8.12 -18.94 10.29
C LYS B 573 9.29 -19.81 10.67
N SER B 574 9.08 -20.75 11.60
CA SER B 574 10.14 -21.64 12.02
C SER B 574 10.64 -22.48 10.84
N TYR B 575 9.71 -23.08 10.09
CA TYR B 575 10.09 -23.90 8.95
C TYR B 575 10.93 -23.10 7.95
N LEU B 576 10.44 -21.93 7.55
CA LEU B 576 11.09 -21.16 6.50
C LEU B 576 12.46 -20.65 6.97
N ILE B 577 12.52 -20.04 8.15
CA ILE B 577 13.78 -19.48 8.62
C ILE B 577 14.78 -20.59 8.89
N PHE B 578 14.32 -21.76 9.38
CA PHE B 578 15.21 -22.88 9.59
C PHE B 578 15.79 -23.36 8.26
N GLY B 579 14.95 -23.45 7.22
CA GLY B 579 15.47 -23.87 5.93
C GLY B 579 16.54 -22.93 5.40
N LEU B 580 16.26 -21.64 5.42
CA LEU B 580 17.22 -20.68 4.86
C LEU B 580 18.50 -20.64 5.69
N SER B 581 18.37 -20.58 7.01
CA SER B 581 19.54 -20.52 7.88
C SER B 581 20.36 -21.78 7.77
N PHE B 582 19.72 -22.95 7.68
CA PHE B 582 20.45 -24.19 7.50
C PHE B 582 21.21 -24.20 6.18
N ASN B 583 20.60 -23.71 5.11
CA ASN B 583 21.31 -23.66 3.83
C ASN B 583 22.57 -22.81 3.95
N PHE B 584 22.44 -21.60 4.49
CA PHE B 584 23.59 -20.72 4.54
C PHE B 584 24.65 -21.23 5.52
N LEU B 585 24.22 -21.81 6.65
CA LEU B 585 25.19 -22.36 7.60
C LEU B 585 25.94 -23.54 7.00
N ALA B 586 25.25 -24.39 6.24
CA ALA B 586 25.91 -25.48 5.55
C ALA B 586 26.92 -24.96 4.55
N PHE B 587 26.57 -23.90 3.81
CA PHE B 587 27.52 -23.31 2.87
C PHE B 587 28.74 -22.78 3.59
N ALA B 588 28.54 -22.09 4.72
CA ALA B 588 29.67 -21.54 5.46
C ALA B 588 30.57 -22.65 6.02
N ALA B 589 29.96 -23.71 6.55
CA ALA B 589 30.74 -24.84 7.03
C ALA B 589 31.53 -25.50 5.91
N MET B 590 30.92 -25.59 4.72
CA MET B 590 31.62 -26.14 3.56
C MET B 590 32.82 -25.27 3.20
N ALA B 591 32.64 -23.95 3.21
CA ALA B 591 33.75 -23.05 2.92
C ALA B 591 34.87 -23.22 3.94
N LEU B 592 34.52 -23.35 5.22
CA LEU B 592 35.53 -23.55 6.25
C LEU B 592 36.27 -24.87 6.04
N SER B 593 35.54 -25.92 5.67
CA SER B 593 36.18 -27.22 5.40
C SER B 593 37.14 -27.12 4.23
N TYR B 594 36.75 -26.42 3.16
CA TYR B 594 37.66 -26.26 2.04
C TYR B 594 38.85 -25.37 2.39
N GLY B 595 38.66 -24.41 3.30
CA GLY B 595 39.79 -23.64 3.78
C GLY B 595 40.78 -24.51 4.54
N PHE B 596 40.26 -25.42 5.37
CA PHE B 596 41.13 -26.39 6.03
C PHE B 596 41.86 -27.24 5.00
N ILE B 597 41.15 -27.68 3.95
CA ILE B 597 41.76 -28.51 2.91
C ILE B 597 42.90 -27.76 2.23
N VAL B 598 42.66 -26.50 1.84
CA VAL B 598 43.69 -25.75 1.13
C VAL B 598 44.85 -25.44 2.07
N LYS B 599 44.59 -25.22 3.36
CA LYS B 599 45.68 -25.03 4.31
C LYS B 599 46.55 -26.28 4.41
N MET B 600 45.91 -27.45 4.48
CA MET B 600 46.65 -28.71 4.53
C MET B 600 47.48 -28.88 3.25
N LEU B 601 46.89 -28.59 2.09
CA LEU B 601 47.62 -28.71 0.84
C LEU B 601 48.81 -27.76 0.79
N LYS B 602 48.64 -26.54 1.30
CA LYS B 602 49.75 -25.60 1.33
C LYS B 602 50.86 -26.09 2.25
N GLU B 603 50.50 -26.65 3.40
CA GLU B 603 51.52 -27.13 4.33
C GLU B 603 52.19 -28.41 3.85
N ASN B 604 51.42 -29.36 3.31
CA ASN B 604 51.93 -30.65 2.89
C ASN B 604 51.50 -30.95 1.47
N GLU B 605 52.42 -31.52 0.68
CA GLU B 605 52.16 -31.87 -0.70
C GLU B 605 51.72 -33.32 -0.80
N THR B 606 50.54 -33.55 -1.40
CA THR B 606 50.01 -34.89 -1.57
C THR B 606 50.56 -35.54 -2.83
N ARG B 607 50.18 -36.80 -3.04
CA ARG B 607 50.59 -37.53 -4.23
C ARG B 607 50.05 -36.86 -5.49
N GLU B 608 50.86 -36.85 -6.54
CA GLU B 608 50.50 -36.15 -7.77
C GLU B 608 49.23 -36.71 -8.40
N GLU B 609 49.03 -38.02 -8.32
CA GLU B 609 47.79 -38.61 -8.84
C GLU B 609 46.57 -38.03 -8.14
N ASP B 610 46.64 -37.94 -6.80
CA ASP B 610 45.57 -37.28 -6.07
C ASP B 610 45.65 -35.75 -6.20
N ARG B 611 46.86 -35.21 -6.34
CA ARG B 611 47.03 -33.76 -6.38
C ARG B 611 46.30 -33.15 -7.57
N ALA B 612 46.39 -33.80 -8.75
CA ALA B 612 45.64 -33.32 -9.90
C ALA B 612 44.14 -33.41 -9.66
N LEU B 613 43.69 -34.55 -9.11
CA LEU B 613 42.27 -34.70 -8.79
C LEU B 613 41.85 -33.70 -7.72
N ILE B 614 42.71 -33.49 -6.72
CA ILE B 614 42.40 -32.52 -5.67
C ILE B 614 42.24 -31.12 -6.26
N THR B 615 43.13 -30.74 -7.16
CA THR B 615 43.04 -29.41 -7.78
C THR B 615 41.79 -29.28 -8.64
N LYS B 616 41.48 -30.31 -9.43
CA LYS B 616 40.29 -30.28 -10.27
C LYS B 616 39.03 -30.14 -9.42
N MET B 617 38.94 -30.92 -8.35
CA MET B 617 37.76 -30.85 -7.49
C MET B 617 37.70 -29.54 -6.70
N THR B 618 38.85 -28.99 -6.33
CA THR B 618 38.86 -27.68 -5.67
C THR B 618 38.32 -26.61 -6.60
N VAL B 619 38.77 -26.61 -7.86
CA VAL B 619 38.26 -25.66 -8.84
C VAL B 619 36.76 -25.87 -9.03
N LEU B 620 36.35 -27.13 -9.13
CA LEU B 620 34.93 -27.46 -9.28
C LEU B 620 34.11 -26.85 -8.15
N VAL B 621 34.51 -27.09 -6.90
CA VAL B 621 33.73 -26.66 -5.75
C VAL B 621 33.71 -25.14 -5.66
N VAL B 622 34.86 -24.49 -5.86
CA VAL B 622 34.90 -23.03 -5.75
C VAL B 622 34.02 -22.38 -6.83
N THR B 623 34.12 -22.88 -8.06
CA THR B 623 33.30 -22.34 -9.14
C THR B 623 31.81 -22.57 -8.87
N ASP B 624 31.46 -23.74 -8.34
CA ASP B 624 30.07 -23.99 -7.97
C ASP B 624 29.60 -23.02 -6.90
N LEU B 625 30.46 -22.72 -5.93
CA LEU B 625 30.13 -21.72 -4.91
C LEU B 625 29.81 -20.37 -5.54
N ILE B 626 30.70 -19.92 -6.42
CA ILE B 626 30.52 -18.60 -7.05
C ILE B 626 29.22 -18.57 -7.84
N CYS B 627 28.95 -19.63 -8.61
CA CYS B 627 27.72 -19.68 -9.39
C CYS B 627 26.48 -19.69 -8.49
N TRP B 628 26.52 -20.46 -7.40
CA TRP B 628 25.34 -20.71 -6.59
C TRP B 628 24.96 -19.51 -5.72
N PHE B 629 25.94 -18.87 -5.09
CA PHE B 629 25.65 -18.07 -3.90
C PHE B 629 24.64 -16.93 -4.09
N PRO B 630 24.74 -16.05 -5.10
CA PRO B 630 23.93 -14.82 -5.07
C PRO B 630 22.42 -15.03 -5.18
N THR B 631 21.97 -16.18 -5.69
CA THR B 631 20.55 -16.36 -5.97
C THR B 631 19.71 -16.20 -4.71
N LEU B 632 20.10 -16.87 -3.62
CA LEU B 632 19.37 -16.74 -2.37
C LEU B 632 19.49 -15.33 -1.79
N PHE B 633 20.64 -14.68 -1.98
CA PHE B 633 20.79 -13.32 -1.49
C PHE B 633 19.74 -12.42 -2.10
N PHE B 634 19.58 -12.47 -3.43
CA PHE B 634 18.55 -11.64 -4.05
C PHE B 634 17.16 -12.10 -3.66
N GLY B 635 16.92 -13.41 -3.64
CA GLY B 635 15.61 -13.91 -3.26
C GLY B 635 15.19 -13.43 -1.89
N PHE B 636 16.15 -13.15 -1.01
CA PHE B 636 15.82 -12.67 0.32
C PHE B 636 15.71 -11.15 0.34
N THR B 637 16.69 -10.45 -0.23
CA THR B 637 16.74 -9.00 -0.12
C THR B 637 15.71 -8.30 -1.00
N ALA B 638 15.18 -8.97 -2.01
CA ALA B 638 14.21 -8.36 -2.91
C ALA B 638 12.90 -8.06 -2.20
N SER B 648 7.92 -11.13 -10.11
CA SER B 648 8.59 -10.25 -11.05
C SER B 648 10.07 -10.61 -11.16
N SER B 649 10.94 -9.67 -10.77
CA SER B 649 12.37 -9.91 -10.88
C SER B 649 12.83 -10.98 -9.89
N ALA B 650 12.14 -11.12 -8.75
CA ALA B 650 12.46 -12.20 -7.83
C ALA B 650 12.24 -13.56 -8.49
N LYS B 651 11.06 -13.73 -9.12
CA LYS B 651 10.81 -14.95 -9.88
C LYS B 651 11.84 -15.12 -11.00
N PHE B 652 12.15 -14.04 -11.71
CA PHE B 652 13.12 -14.14 -12.81
C PHE B 652 14.47 -14.63 -12.30
N VAL B 653 14.94 -14.08 -11.19
CA VAL B 653 16.26 -14.46 -10.70
C VAL B 653 16.26 -15.89 -10.20
N LEU B 654 15.25 -16.26 -9.41
CA LEU B 654 15.16 -17.63 -8.92
C LEU B 654 15.04 -18.63 -10.07
N VAL B 655 14.41 -18.21 -11.17
CA VAL B 655 14.20 -19.10 -12.31
C VAL B 655 15.41 -19.11 -13.26
N PHE B 656 16.22 -18.04 -13.24
CA PHE B 656 17.29 -17.87 -14.21
C PHE B 656 18.67 -18.20 -13.64
N PHE B 657 19.07 -17.53 -12.56
CA PHE B 657 20.46 -17.62 -12.12
C PHE B 657 20.75 -18.96 -11.45
N PHE B 658 19.83 -19.44 -10.62
CA PHE B 658 20.03 -20.73 -9.96
C PHE B 658 20.12 -21.87 -10.96
N PRO B 659 19.22 -22.02 -11.94
CA PRO B 659 19.45 -23.03 -12.99
C PRO B 659 20.69 -22.77 -13.81
N ILE B 660 21.09 -21.50 -13.96
CA ILE B 660 22.35 -21.19 -14.64
C ILE B 660 23.51 -21.83 -13.88
N ASN B 661 23.51 -21.68 -12.56
CA ASN B 661 24.50 -22.39 -11.74
C ASN B 661 24.37 -23.90 -11.92
N ALA B 662 23.13 -24.40 -11.94
CA ALA B 662 22.91 -25.84 -11.99
C ALA B 662 23.50 -26.46 -13.25
N PHE B 663 23.33 -25.80 -14.40
CA PHE B 663 23.86 -26.37 -15.62
C PHE B 663 25.30 -25.96 -15.87
N ALA B 664 25.77 -24.86 -15.28
CA ALA B 664 27.16 -24.45 -15.44
C ALA B 664 28.09 -25.30 -14.59
N ASN B 665 27.60 -25.82 -13.45
CA ASN B 665 28.45 -26.61 -12.58
C ASN B 665 29.04 -27.85 -13.26
N PRO B 666 28.27 -28.66 -14.02
CA PRO B 666 28.91 -29.80 -14.71
C PRO B 666 29.99 -29.40 -15.70
N PHE B 667 29.91 -28.19 -16.27
CA PHE B 667 31.02 -27.71 -17.10
C PHE B 667 32.30 -27.64 -16.28
N LEU B 668 32.20 -27.16 -15.04
CA LEU B 668 33.33 -27.14 -14.13
C LEU B 668 33.66 -28.52 -13.60
N TYR B 669 32.71 -29.46 -13.65
CA TYR B 669 33.02 -30.86 -13.35
C TYR B 669 33.93 -31.45 -14.41
N VAL B 670 33.61 -31.23 -15.68
CA VAL B 670 34.40 -31.77 -16.78
C VAL B 670 35.20 -30.65 -17.45
C1 NAG C . -10.04 70.59 -24.27
C2 NAG C . -10.37 69.75 -25.50
C3 NAG C . -9.09 69.37 -26.25
C4 NAG C . -8.22 70.60 -26.51
C5 NAG C . -8.01 71.36 -25.19
C6 NAG C . -7.20 72.62 -25.35
C7 NAG C . -12.46 68.51 -25.04
C8 NAG C . -13.00 67.16 -24.64
N2 NAG C . -11.11 68.57 -25.14
O3 NAG C . -9.45 68.71 -27.44
O4 NAG C . -7.00 70.14 -27.05
O5 NAG C . -9.27 71.70 -24.65
O6 NAG C . -7.46 73.49 -24.26
O7 NAG C . -13.19 69.46 -25.25
C1 NAG D . 3.00 54.96 -23.02
C2 NAG D . 3.22 56.37 -23.61
C3 NAG D . 4.42 56.51 -24.56
C4 NAG D . 5.59 55.61 -24.18
C5 NAG D . 5.02 54.21 -24.15
C6 NAG D . 6.06 53.12 -24.05
C7 NAG D . 1.54 56.19 -25.44
C8 NAG D . 0.31 56.86 -26.00
N2 NAG D . 2.06 56.79 -24.34
O3 NAG D . 4.80 57.85 -24.61
O4 NAG D . 6.58 55.77 -25.17
O5 NAG D . 4.17 54.13 -23.03
O6 NAG D . 6.90 53.37 -22.94
O7 NAG D . 2.00 55.19 -25.97
C1 NAG E . -16.20 57.47 4.92
C2 NAG E . -16.87 58.83 5.21
C3 NAG E . -16.56 59.27 6.63
C4 NAG E . -16.91 58.16 7.62
C5 NAG E . -16.19 56.88 7.20
C6 NAG E . -16.46 55.71 8.13
C7 NAG E . -17.13 60.22 3.19
C8 NAG E . -16.46 61.27 2.34
N2 NAG E . -16.42 59.82 4.26
O3 NAG E . -17.28 60.45 6.88
O4 NAG E . -16.51 58.61 8.90
O5 NAG E . -16.59 56.53 5.89
O6 NAG E . -16.37 56.12 9.47
O7 NAG E . -18.23 59.78 2.90
C1 NAG F . -49.29 -11.55 48.41
C2 NAG F . -48.76 -10.16 47.97
C3 NAG F . -48.15 -9.35 49.12
C4 NAG F . -48.97 -9.47 50.40
C5 NAG F . -49.11 -10.95 50.71
C6 NAG F . -49.75 -11.24 52.05
C7 NAG F . -46.61 -10.92 46.98
C8 NAG F . -45.83 -10.90 45.69
N2 NAG F . -47.80 -10.30 46.91
O3 NAG F . -48.05 -8.02 48.69
O4 NAG F . -48.27 -8.77 51.41
O5 NAG F . -49.89 -11.52 49.69
O6 NAG F . -51.09 -10.83 52.04
O7 NAG F . -46.16 -11.46 47.97
C1 NAG G . -29.39 -18.47 41.29
C2 NAG G . -27.88 -18.61 41.06
C3 NAG G . -27.29 -19.66 42.00
C4 NAG G . -27.72 -19.42 43.44
C5 NAG G . -29.25 -19.32 43.49
C6 NAG G . -29.80 -19.08 44.88
C7 NAG G . -26.43 -18.75 39.07
C8 NAG G . -26.39 -19.19 37.62
N2 NAG G . -27.61 -18.95 39.69
O3 NAG G . -25.89 -19.62 41.89
O4 NAG G . -27.24 -20.49 44.22
O5 NAG G . -29.66 -18.27 42.66
O6 NAG G . -29.75 -17.71 45.18
O7 NAG G . -25.45 -18.27 39.61
C1 NAG H . -54.01 -15.10 16.70
C2 NAG H . -54.60 -15.13 15.28
C3 NAG H . -56.10 -15.43 15.30
C4 NAG H . -56.40 -16.65 16.17
C5 NAG H . -55.77 -16.45 17.55
C6 NAG H . -56.01 -17.59 18.50
C7 NAG H . -53.45 -13.71 13.62
C8 NAG H . -53.37 -12.31 13.06
N2 NAG H . -54.36 -13.88 14.61
O3 NAG H . -56.53 -15.61 13.98
O4 NAG H . -57.80 -16.77 16.24
O5 NAG H . -54.38 -16.27 17.39
O6 NAG H . -54.96 -17.68 19.43
O7 NAG H . -52.75 -14.61 13.19
C1 CLR I . 28.69 -21.20 -23.53
C2 CLR I . 30.09 -20.67 -23.23
C3 CLR I . 30.86 -21.55 -22.27
C4 CLR I . 29.93 -22.29 -21.29
C5 CLR I . 28.63 -21.56 -21.08
C6 CLR I . 28.32 -21.06 -19.88
C7 CLR I . 27.20 -20.11 -19.61
C8 CLR I . 26.23 -19.96 -20.78
C9 CLR I . 26.97 -20.02 -22.12
C10 CLR I . 27.77 -21.34 -22.30
C11 CLR I . 26.04 -19.70 -23.29
C12 CLR I . 25.32 -18.36 -23.11
C13 CLR I . 24.52 -18.30 -21.81
C14 CLR I . 25.50 -18.63 -20.67
C15 CLR I . 24.69 -18.35 -19.42
C16 CLR I . 23.94 -17.07 -19.79
C17 CLR I . 24.03 -16.90 -21.33
C18 CLR I . 23.34 -19.28 -21.87
C19 CLR I . 26.85 -22.57 -22.48
C20 CLR I . 22.75 -16.29 -21.91
C21 CLR I . 22.88 -15.82 -23.36
C22 CLR I . 22.28 -15.12 -21.03
C23 CLR I . 20.87 -14.62 -21.29
C24 CLR I . 20.80 -13.10 -21.34
C25 CLR I . 19.40 -12.54 -21.62
C26 CLR I . 19.43 -11.02 -21.60
C27 CLR I . 18.36 -13.07 -20.64
O1 CLR I . 31.64 -22.46 -23.03
#